data_3OWN
#
_entry.id   3OWN
#
_cell.length_a   141.827
_cell.length_b   141.827
_cell.length_c   141.827
_cell.angle_alpha   90.000
_cell.angle_beta   90.000
_cell.angle_gamma   90.000
#
_symmetry.space_group_name_H-M   'P 21 3'
#
loop_
_entity.id
_entity.type
_entity.pdbx_description
1 polymer Renin
2 non-polymer 'ACETATE ION'
3 non-polymer 'SODIUM ION'
4 non-polymer (2S,4S)-4-hydroxy-2-(1-methylethyl)-4-[(4R,13S)-18-[methyl(methylsulfonyl)amino]-2,15-dioxo-4-phenyl-11-oxa-3,14-diazatricyclo[14.3.1.1~5,9~]henicosa-1(20),5(21),6,8,16,18-hexaen-13-yl]-N-(2-methylpropyl)butanamide
5 non-polymer (2S,4S)-4-hydroxy-2-(1-methylethyl)-4-[(4S,13S)-18-[methyl(methylsulfonyl)amino]-2,15-dioxo-4-phenyl-11-oxa-3,14-diazatricyclo[14.3.1.1~5,9~]henicosa-1(20),5(21),6,8,16,18-hexaen-13-yl]-N-(2-methylpropyl)butanamide
6 water water
#
_entity_poly.entity_id   1
_entity_poly.type   'polypeptide(L)'
_entity_poly.pdbx_seq_one_letter_code
;LTLGNTTSSVILTNYMDTQYYGEIGIGTPPQTFKVVFDTGSSNVWVPSSKCSRLYTACVYHKLFDASDSSSYKHNGTELT
LRYSTGTVSGFLSQDIITVGGITVTQMFGEVTEMPALPFMLAEFDGVVGMGFIEQAIGRVTPIFDNIISQGVLKEDVFSF
YYNRDSENSQSLGGQIVLGGSDPQHYEGNFHYINLIKTGVWQIQMKGVSVGSSTLLCEDGCLALVDTGASYISGSTSSIE
KLMEALGAKKRLFDYVVKCNEGPTLPDISFHLGGKEYTLTSADYVFQESYSSKKLCTLAIHAMDIPPPTGPTWALGATFI
RKFYTEFDRRNNRIGFALARH
;
_entity_poly.pdbx_strand_id   A,B
#
# COMPACT_ATOMS: atom_id res chain seq x y z
N GLY A 4 -8.49 -1.91 33.64
CA GLY A 4 -8.65 -3.37 33.43
C GLY A 4 -7.52 -3.99 32.65
N ASN A 5 -7.77 -5.18 32.10
CA ASN A 5 -6.79 -5.85 31.23
C ASN A 5 -7.42 -6.32 29.91
N THR A 6 -8.51 -5.68 29.52
CA THR A 6 -9.20 -6.01 28.28
C THR A 6 -8.74 -5.16 27.10
N THR A 7 -8.40 -5.87 26.03
CA THR A 7 -8.20 -5.30 24.72
C THR A 7 -9.19 -6.08 23.88
N SER A 8 -10.01 -5.36 23.11
CA SER A 8 -11.00 -6.00 22.24
C SER A 8 -10.93 -5.46 20.80
N SER A 9 -11.09 -6.35 19.82
CA SER A 9 -11.10 -5.88 18.45
C SER A 9 -12.42 -6.01 17.69
N VAL A 10 -12.62 -5.08 16.77
CA VAL A 10 -13.75 -5.06 15.85
C VAL A 10 -13.12 -5.32 14.47
N ILE A 11 -13.56 -6.38 13.79
CA ILE A 11 -13.12 -6.65 12.44
C ILE A 11 -13.92 -5.77 11.45
N LEU A 12 -13.22 -5.18 10.50
CA LEU A 12 -13.88 -4.31 9.56
C LEU A 12 -13.91 -4.95 8.18
N THR A 13 -14.91 -4.59 7.40
CA THR A 13 -14.96 -4.91 5.98
C THR A 13 -14.53 -3.66 5.21
N ASN A 14 -13.69 -3.88 4.21
CA ASN A 14 -13.24 -2.86 3.29
C ASN A 14 -14.03 -3.03 2.00
N TYR A 15 -14.87 -2.05 1.67
CA TYR A 15 -15.56 -2.07 0.41
C TYR A 15 -14.87 -1.04 -0.49
N MET A 16 -14.19 -1.54 -1.53
CA MET A 16 -13.58 -0.70 -2.58
C MET A 16 -12.62 0.39 -2.11
N ASP A 17 -11.97 0.17 -0.97
CA ASP A 17 -11.07 1.18 -0.38
C ASP A 17 -11.71 2.50 0.08
N THR A 18 -13.02 2.56 0.04
CA THR A 18 -13.67 3.78 0.38
C THR A 18 -14.57 3.65 1.62
N GLN A 19 -15.04 2.43 1.91
CA GLN A 19 -15.97 2.28 3.03
C GLN A 19 -15.47 1.15 3.90
N TYR A 20 -15.09 1.51 5.12
CA TYR A 20 -14.61 0.59 6.12
C TYR A 20 -15.64 0.58 7.25
N TYR A 21 -16.25 -0.57 7.46
CA TYR A 21 -17.30 -0.67 8.43
C TYR A 21 -17.25 -1.99 9.19
N GLY A 22 -17.82 -2.00 10.38
CA GLY A 22 -17.95 -3.25 11.13
C GLY A 22 -19.38 -3.50 11.55
N GLU A 23 -19.55 -4.48 12.43
CA GLU A 23 -20.87 -4.87 12.93
C GLU A 23 -21.07 -4.49 14.41
N ILE A 24 -22.27 -4.01 14.71
CA ILE A 24 -22.67 -3.87 16.11
C ILE A 24 -23.99 -4.66 16.26
N GLY A 25 -24.28 -5.10 17.47
CA GLY A 25 -25.55 -5.71 17.79
C GLY A 25 -26.33 -4.80 18.75
N ILE A 26 -27.58 -4.50 18.42
CA ILE A 26 -28.39 -3.65 19.30
C ILE A 26 -29.65 -4.38 19.80
N GLY A 27 -29.85 -4.35 21.10
CA GLY A 27 -31.12 -4.90 21.57
C GLY A 27 -31.04 -6.36 22.01
N THR A 28 -32.19 -6.89 22.40
CA THR A 28 -32.32 -8.26 22.92
C THR A 28 -33.57 -8.89 22.29
N PRO A 29 -33.39 -9.89 21.40
CA PRO A 29 -32.12 -10.47 20.93
C PRO A 29 -31.39 -9.45 20.02
N PRO A 30 -30.07 -9.63 19.79
CA PRO A 30 -29.39 -8.55 19.02
C PRO A 30 -29.92 -8.31 17.61
N GLN A 31 -30.04 -7.04 17.25
CA GLN A 31 -30.31 -6.61 15.87
C GLN A 31 -28.97 -6.05 15.42
N THR A 32 -28.53 -6.59 14.31
CA THR A 32 -27.18 -6.40 13.78
C THR A 32 -27.15 -5.27 12.77
N PHE A 33 -26.14 -4.40 12.86
CA PHE A 33 -26.03 -3.24 11.93
C PHE A 33 -24.60 -3.14 11.44
N LYS A 34 -24.44 -2.79 10.18
CA LYS A 34 -23.14 -2.41 9.65
C LYS A 34 -22.94 -0.90 9.96
N VAL A 35 -21.84 -0.55 10.61
CA VAL A 35 -21.63 0.87 10.96
C VAL A 35 -20.21 1.33 10.64
N VAL A 36 -20.04 2.61 10.30
CA VAL A 36 -18.70 3.18 10.20
C VAL A 36 -18.34 3.71 11.58
N PHE A 37 -17.08 3.55 11.97
CA PHE A 37 -16.61 4.10 13.25
C PHE A 37 -15.88 5.41 12.92
N ASP A 38 -16.43 6.52 13.42
CA ASP A 38 -16.12 7.88 12.95
C ASP A 38 -15.52 8.75 14.06
N THR A 39 -14.21 9.01 14.00
CA THR A 39 -13.58 9.92 14.97
C THR A 39 -13.95 11.38 14.73
N GLY A 40 -14.57 11.68 13.58
CA GLY A 40 -15.00 13.03 13.31
C GLY A 40 -16.33 13.41 13.95
N SER A 41 -16.99 12.46 14.61
CA SER A 41 -18.26 12.72 15.30
C SER A 41 -18.37 11.84 16.56
N SER A 42 -19.42 12.06 17.35
CA SER A 42 -19.55 11.43 18.66
C SER A 42 -20.89 10.79 18.98
N ASN A 43 -21.77 10.72 18.00
CA ASN A 43 -23.10 10.14 18.22
C ASN A 43 -23.20 8.79 17.52
N VAL A 44 -23.93 7.85 18.13
CA VAL A 44 -24.23 6.54 17.52
C VAL A 44 -25.64 6.73 16.96
N TRP A 45 -25.84 6.29 15.72
CA TRP A 45 -27.22 6.20 15.21
C TRP A 45 -27.29 5.05 14.22
N VAL A 46 -28.49 4.51 14.11
CA VAL A 46 -28.84 3.53 13.09
C VAL A 46 -30.22 3.92 12.55
N PRO A 47 -30.57 3.45 11.33
CA PRO A 47 -31.90 3.71 10.80
C PRO A 47 -32.97 3.02 11.65
N SER A 48 -34.10 3.71 11.78
CA SER A 48 -35.22 3.23 12.56
C SER A 48 -36.30 2.57 11.72
N SER A 49 -36.95 1.53 12.27
CA SER A 49 -38.23 1.02 11.72
C SER A 49 -39.32 2.11 11.53
N LYS A 50 -39.25 3.19 12.31
CA LYS A 50 -40.16 4.33 12.19
C LYS A 50 -39.81 5.26 11.02
N CYS A 51 -38.69 5.03 10.34
CA CYS A 51 -38.37 5.84 9.16
C CYS A 51 -39.41 5.63 8.05
N SER A 52 -40.02 6.71 7.53
CA SER A 52 -40.87 6.61 6.33
C SER A 52 -40.17 5.88 5.19
N ARG A 53 -40.86 4.92 4.57
CA ARG A 53 -40.32 4.16 3.45
C ARG A 53 -40.31 4.99 2.16
N LEU A 54 -40.89 6.20 2.22
CA LEU A 54 -40.70 7.18 1.15
C LEU A 54 -39.22 7.59 1.13
N TYR A 55 -38.46 7.35 2.21
CA TYR A 55 -36.97 7.51 2.18
C TYR A 55 -36.45 6.17 1.68
N THR A 56 -36.00 6.17 0.43
CA THR A 56 -35.48 4.97 -0.19
C THR A 56 -34.27 4.41 0.52
N ALA A 57 -33.41 5.27 1.09
CA ALA A 57 -32.31 4.78 1.98
C ALA A 57 -32.83 3.83 3.12
N CYS A 58 -34.01 4.13 3.68
CA CYS A 58 -34.68 3.30 4.68
C CYS A 58 -35.25 1.99 4.14
N VAL A 59 -35.67 1.98 2.87
CA VAL A 59 -36.04 0.74 2.21
C VAL A 59 -34.81 -0.17 2.03
N TYR A 60 -33.64 0.43 1.80
CA TYR A 60 -32.45 -0.33 1.44
C TYR A 60 -31.50 -0.61 2.59
N HIS A 61 -31.80 -0.09 3.78
CA HIS A 61 -30.97 -0.37 4.96
C HIS A 61 -31.70 -1.15 6.04
N LYS A 62 -30.91 -1.76 6.91
CA LYS A 62 -31.39 -2.45 8.09
C LYS A 62 -31.98 -1.39 9.06
N LEU A 63 -33.16 -1.68 9.62
CA LEU A 63 -33.91 -0.77 10.46
C LEU A 63 -34.05 -1.37 11.85
N PHE A 64 -33.77 -0.55 12.86
CA PHE A 64 -33.92 -0.92 14.26
C PHE A 64 -35.40 -0.91 14.66
N ASP A 65 -35.85 -2.04 15.23
CA ASP A 65 -37.22 -2.14 15.65
C ASP A 65 -37.24 -2.30 17.18
N ALA A 66 -37.57 -1.21 17.88
CA ALA A 66 -37.63 -1.18 19.34
C ALA A 66 -38.67 -2.19 19.86
N SER A 67 -39.74 -2.39 19.08
CA SER A 67 -40.83 -3.36 19.39
C SER A 67 -40.37 -4.80 19.50
N ASP A 68 -39.19 -5.07 18.95
CA ASP A 68 -38.58 -6.39 19.02
C ASP A 68 -37.57 -6.56 20.14
N SER A 69 -37.21 -5.47 20.82
CA SER A 69 -36.20 -5.49 21.88
C SER A 69 -36.78 -5.39 23.31
N SER A 70 -36.47 -6.38 24.15
CA SER A 70 -36.97 -6.40 25.54
C SER A 70 -36.16 -5.47 26.45
N SER A 71 -34.94 -5.11 26.00
CA SER A 71 -33.99 -4.28 26.76
C SER A 71 -34.00 -2.78 26.39
N TYR A 72 -34.80 -2.45 25.37
CA TYR A 72 -35.03 -1.06 24.94
C TYR A 72 -35.63 -0.20 26.05
N LYS A 73 -35.17 1.05 26.11
CA LYS A 73 -35.70 2.06 27.02
C LYS A 73 -35.96 3.30 26.22
N HIS A 74 -37.23 3.67 26.19
CA HIS A 74 -37.71 4.80 25.43
C HIS A 74 -37.07 6.10 25.93
N ASN A 75 -36.83 7.05 25.02
CA ASN A 75 -36.46 8.41 25.40
C ASN A 75 -37.27 9.36 24.54
N GLY A 76 -36.99 9.35 23.24
CA GLY A 76 -37.83 10.08 22.31
C GLY A 76 -37.43 11.50 21.97
N THR A 77 -36.38 12.02 22.62
CA THR A 77 -35.89 13.38 22.31
C THR A 77 -35.41 13.46 20.86
N GLU A 78 -35.82 14.53 20.19
CA GLU A 78 -35.55 14.74 18.76
C GLU A 78 -34.06 15.03 18.59
N LEU A 79 -33.46 14.57 17.50
CA LEU A 79 -32.03 14.66 17.31
C LEU A 79 -31.82 14.95 15.82
N THR A 80 -31.11 16.04 15.48
CA THR A 80 -30.61 16.25 14.11
C THR A 80 -29.10 16.26 14.09
N LEU A 81 -28.49 15.45 13.21
CA LEU A 81 -27.05 15.32 13.12
C LEU A 81 -26.59 15.84 11.75
N ARG A 82 -25.94 16.99 11.77
CA ARG A 82 -25.46 17.62 10.55
C ARG A 82 -23.98 17.26 10.43
N TYR A 83 -23.65 16.50 9.41
CA TYR A 83 -22.25 16.22 9.09
C TYR A 83 -21.85 17.19 7.97
N SER A 84 -20.55 17.28 7.66
CA SER A 84 -20.11 18.15 6.58
C SER A 84 -20.72 17.76 5.21
N THR A 85 -20.96 16.47 5.02
CA THR A 85 -21.42 16.01 3.72
C THR A 85 -22.81 15.38 3.71
N GLY A 86 -23.53 15.51 4.82
CA GLY A 86 -24.89 15.00 4.84
C GLY A 86 -25.54 15.15 6.20
N THR A 87 -26.83 14.87 6.28
CA THR A 87 -27.59 15.06 7.51
C THR A 87 -28.57 13.91 7.74
N VAL A 88 -28.77 13.53 8.99
CA VAL A 88 -29.82 12.58 9.37
C VAL A 88 -30.58 13.20 10.53
N SER A 89 -31.82 12.77 10.72
CA SER A 89 -32.61 13.24 11.85
C SER A 89 -33.43 12.06 12.37
N GLY A 90 -33.68 12.07 13.67
CA GLY A 90 -34.51 11.09 14.35
C GLY A 90 -34.76 11.43 15.81
N PHE A 91 -34.70 10.40 16.64
CA PHE A 91 -35.01 10.56 18.04
C PHE A 91 -34.09 9.59 18.81
N LEU A 92 -33.81 9.95 20.06
CA LEU A 92 -33.01 9.16 20.97
C LEU A 92 -33.73 7.94 21.59
N SER A 93 -32.98 6.85 21.76
CA SER A 93 -33.40 5.61 22.41
C SER A 93 -32.21 5.01 23.13
N GLN A 94 -32.50 4.13 24.08
CA GLN A 94 -31.44 3.49 24.83
C GLN A 94 -31.62 2.00 24.68
N ASP A 95 -30.52 1.30 24.41
CA ASP A 95 -30.53 -0.14 24.42
C ASP A 95 -29.13 -0.65 24.71
N ILE A 96 -28.99 -1.97 24.76
CA ILE A 96 -27.72 -2.63 24.93
C ILE A 96 -27.06 -2.75 23.56
N ILE A 97 -25.79 -2.43 23.52
CA ILE A 97 -25.02 -2.52 22.29
C ILE A 97 -23.79 -3.36 22.47
N THR A 98 -23.65 -4.36 21.63
CA THR A 98 -22.44 -5.14 21.65
C THR A 98 -21.48 -4.65 20.55
N VAL A 99 -20.22 -4.42 20.91
CA VAL A 99 -19.16 -4.04 19.97
C VAL A 99 -17.86 -4.76 20.32
N GLY A 100 -17.41 -5.61 19.41
CA GLY A 100 -16.24 -6.46 19.65
C GLY A 100 -16.33 -7.23 20.96
N GLY A 101 -17.49 -7.81 21.25
CA GLY A 101 -17.61 -8.59 22.49
C GLY A 101 -17.87 -7.81 23.77
N ILE A 102 -17.72 -6.49 23.73
CA ILE A 102 -18.03 -5.59 24.86
C ILE A 102 -19.50 -5.21 24.75
N THR A 103 -20.27 -5.32 25.83
CA THR A 103 -21.66 -4.89 25.78
C THR A 103 -21.80 -3.64 26.66
N VAL A 104 -22.47 -2.64 26.13
CA VAL A 104 -22.63 -1.36 26.82
C VAL A 104 -24.05 -0.82 26.67
N THR A 105 -24.59 -0.21 27.73
CA THR A 105 -25.89 0.44 27.65
C THR A 105 -25.65 1.82 27.05
N GLN A 106 -26.30 2.09 25.92
CA GLN A 106 -25.99 3.26 25.14
C GLN A 106 -27.22 4.02 24.66
N MET A 107 -27.20 5.34 24.80
CA MET A 107 -28.19 6.19 24.13
C MET A 107 -27.73 6.35 22.67
N PHE A 108 -28.65 6.14 21.74
CA PHE A 108 -28.35 6.25 20.31
C PHE A 108 -29.52 6.89 19.57
N GLY A 109 -29.25 7.39 18.35
CA GLY A 109 -30.31 7.93 17.53
C GLY A 109 -30.97 6.85 16.67
N GLU A 110 -32.28 6.81 16.74
CA GLU A 110 -33.08 6.04 15.80
C GLU A 110 -33.41 7.04 14.68
N VAL A 111 -32.81 6.82 13.51
CA VAL A 111 -32.95 7.78 12.41
C VAL A 111 -34.23 7.53 11.58
N THR A 112 -35.05 8.55 11.45
CA THR A 112 -36.35 8.50 10.76
C THR A 112 -36.33 9.35 9.48
N GLU A 113 -35.31 10.17 9.34
CA GLU A 113 -35.11 10.96 8.11
C GLU A 113 -33.70 10.76 7.60
N MET A 114 -33.61 10.08 6.45
CA MET A 114 -32.33 9.59 5.89
C MET A 114 -32.24 9.85 4.38
N PRO A 115 -31.62 10.98 3.98
CA PRO A 115 -31.50 11.39 2.57
C PRO A 115 -30.88 10.32 1.67
N ALA A 116 -31.36 10.25 0.44
CA ALA A 116 -30.83 9.28 -0.54
C ALA A 116 -29.34 9.53 -0.83
N LEU A 117 -28.90 10.79 -0.78
CA LEU A 117 -27.47 11.10 -0.87
C LEU A 117 -26.99 11.63 0.47
N PRO A 118 -25.91 11.05 1.03
CA PRO A 118 -25.19 9.96 0.40
C PRO A 118 -25.64 8.54 0.76
N PHE A 119 -26.73 8.36 1.49
CA PHE A 119 -26.95 7.03 2.11
C PHE A 119 -27.34 5.87 1.23
N MET A 120 -27.94 6.14 0.09
CA MET A 120 -28.21 5.07 -0.89
C MET A 120 -26.89 4.47 -1.45
N LEU A 121 -25.80 5.21 -1.28
CA LEU A 121 -24.48 4.86 -1.80
C LEU A 121 -23.61 4.16 -0.78
N ALA A 122 -24.08 4.14 0.46
CA ALA A 122 -23.36 3.56 1.58
C ALA A 122 -23.69 2.08 1.71
N GLU A 123 -22.66 1.27 1.89
CA GLU A 123 -22.81 -0.16 2.17
C GLU A 123 -23.23 -0.44 3.61
N PHE A 124 -22.95 0.52 4.48
CA PHE A 124 -23.26 0.38 5.90
C PHE A 124 -24.58 1.06 6.23
N ASP A 125 -25.08 0.74 7.41
CA ASP A 125 -26.39 1.24 7.85
C ASP A 125 -26.29 2.51 8.68
N GLY A 126 -25.36 2.55 9.62
CA GLY A 126 -25.28 3.67 10.55
C GLY A 126 -23.87 4.08 10.94
N VAL A 127 -23.77 4.89 11.99
CA VAL A 127 -22.51 5.48 12.40
C VAL A 127 -22.29 5.33 13.91
N VAL A 128 -21.07 5.01 14.30
CA VAL A 128 -20.67 4.94 15.69
C VAL A 128 -19.57 6.04 15.86
N GLY A 129 -19.94 7.12 16.51
CA GLY A 129 -18.99 8.22 16.64
C GLY A 129 -17.98 7.86 17.71
N MET A 130 -16.70 8.09 17.42
CA MET A 130 -15.61 7.80 18.34
C MET A 130 -14.94 9.09 18.83
N GLY A 131 -15.59 10.21 18.59
CA GLY A 131 -15.14 11.50 19.13
C GLY A 131 -15.50 11.63 20.60
N PHE A 132 -15.28 12.85 21.09
CA PHE A 132 -15.46 13.26 22.47
C PHE A 132 -16.84 13.79 22.72
N ILE A 133 -17.20 13.83 23.99
CA ILE A 133 -18.53 14.34 24.37
C ILE A 133 -18.78 15.78 23.94
N GLU A 134 -17.70 16.56 23.83
CA GLU A 134 -17.78 17.96 23.40
C GLU A 134 -18.45 18.15 22.04
N GLN A 135 -18.23 17.20 21.14
CA GLN A 135 -18.81 17.23 19.82
C GLN A 135 -20.11 16.44 19.67
N ALA A 136 -20.57 15.77 20.73
CA ALA A 136 -21.86 15.03 20.73
C ALA A 136 -23.06 15.96 20.66
N ILE A 137 -23.98 15.67 19.75
CA ILE A 137 -25.18 16.47 19.58
C ILE A 137 -26.14 15.95 20.65
N GLY A 138 -26.84 16.88 21.29
CA GLY A 138 -27.80 16.54 22.35
C GLY A 138 -27.14 16.14 23.66
N ARG A 139 -25.85 16.40 23.80
CA ARG A 139 -25.04 16.07 24.99
C ARG A 139 -25.15 14.60 25.41
N VAL A 140 -25.30 13.69 24.45
CA VAL A 140 -25.43 12.26 24.75
C VAL A 140 -24.03 11.68 24.93
N THR A 141 -23.89 10.85 25.97
CA THR A 141 -22.62 10.23 26.28
C THR A 141 -22.17 9.28 25.17
N PRO A 142 -20.96 9.52 24.61
CA PRO A 142 -20.50 8.68 23.51
C PRO A 142 -20.15 7.29 23.96
N ILE A 143 -20.19 6.34 23.02
CA ILE A 143 -19.94 4.94 23.32
C ILE A 143 -18.59 4.64 24.01
N PHE A 144 -17.51 5.24 23.51
CA PHE A 144 -16.19 5.01 24.07
C PHE A 144 -16.13 5.48 25.54
N ASP A 145 -16.72 6.63 25.85
CA ASP A 145 -16.84 7.06 27.23
C ASP A 145 -17.57 6.01 28.07
N ASN A 146 -18.71 5.51 27.55
CA ASN A 146 -19.43 4.46 28.27
C ASN A 146 -18.64 3.19 28.53
N ILE A 147 -17.78 2.82 27.59
CA ILE A 147 -16.95 1.64 27.71
C ILE A 147 -15.82 1.84 28.74
N ILE A 148 -15.21 3.05 28.75
CA ILE A 148 -14.19 3.43 29.72
C ILE A 148 -14.76 3.34 31.14
N SER A 149 -16.00 3.79 31.32
CA SER A 149 -16.71 3.74 32.59
C SER A 149 -16.81 2.34 33.18
N GLN A 150 -16.70 1.32 32.34
CA GLN A 150 -16.74 -0.07 32.81
C GLN A 150 -15.42 -0.49 33.45
N GLY A 151 -14.34 0.24 33.16
CA GLY A 151 -13.03 -0.05 33.70
C GLY A 151 -12.55 -1.43 33.31
N VAL A 152 -12.75 -1.81 32.07
CA VAL A 152 -12.29 -3.12 31.59
C VAL A 152 -11.11 -2.99 30.64
N LEU A 153 -11.02 -1.87 29.92
CA LEU A 153 -9.96 -1.72 28.90
C LEU A 153 -8.58 -1.51 29.54
N LYS A 154 -7.56 -2.17 29.00
CA LYS A 154 -6.16 -2.08 29.46
C LYS A 154 -5.70 -0.62 29.44
N GLU A 155 -6.03 0.11 28.36
CA GLU A 155 -5.70 1.52 28.18
C GLU A 155 -6.91 2.28 27.63
N ASP A 156 -6.99 3.58 27.92
CA ASP A 156 -8.07 4.41 27.43
C ASP A 156 -7.64 4.98 26.07
N VAL A 157 -7.43 4.05 25.13
CA VAL A 157 -6.99 4.34 23.77
C VAL A 157 -7.75 3.41 22.80
N PHE A 158 -7.82 3.82 21.55
CA PHE A 158 -8.32 2.91 20.53
C PHE A 158 -7.54 3.17 19.26
N SER A 159 -7.39 2.14 18.44
CA SER A 159 -6.56 2.17 17.25
C SER A 159 -7.24 1.67 15.99
N PHE A 160 -6.84 2.23 14.85
CA PHE A 160 -7.43 1.87 13.54
C PHE A 160 -6.39 1.39 12.56
N TYR A 161 -6.73 0.26 11.96
CA TYR A 161 -6.05 -0.33 10.82
C TYR A 161 -7.06 -0.45 9.69
N TYR A 162 -6.75 0.21 8.59
CA TYR A 162 -7.54 0.09 7.38
C TYR A 162 -6.65 -0.59 6.32
N ASN A 163 -7.00 -1.81 5.90
CA ASN A 163 -6.26 -2.48 4.83
C ASN A 163 -6.44 -1.91 3.40
N ARG A 164 -5.48 -2.21 2.52
CA ARG A 164 -5.64 -2.00 1.08
C ARG A 164 -6.62 -3.06 0.53
N ASP A 165 -7.43 -2.69 -0.45
CA ASP A 165 -8.49 -3.56 -1.01
C ASP A 165 -7.96 -4.92 -1.52
N SER A 166 -8.87 -5.83 -1.90
CA SER A 166 -8.44 -7.17 -2.36
C SER A 166 -9.28 -7.79 -3.48
N GLN A 170 -10.27 -14.51 3.21
CA GLN A 170 -8.80 -14.41 3.00
C GLN A 170 -8.21 -13.10 3.56
N SER A 171 -8.72 -11.96 3.09
CA SER A 171 -8.15 -10.65 3.44
C SER A 171 -8.94 -9.93 4.53
N LEU A 172 -8.26 -9.48 5.58
CA LEU A 172 -8.88 -8.64 6.62
C LEU A 172 -9.06 -7.20 6.07
N GLY A 173 -10.29 -6.69 6.04
CA GLY A 173 -10.53 -5.33 5.56
C GLY A 173 -9.93 -4.23 6.45
N GLY A 174 -9.90 -4.49 7.75
CA GLY A 174 -9.39 -3.54 8.68
C GLY A 174 -9.69 -4.02 10.09
N GLN A 175 -9.27 -3.22 11.06
CA GLN A 175 -9.43 -3.58 12.45
C GLN A 175 -9.38 -2.40 13.40
N ILE A 176 -10.32 -2.37 14.34
CA ILE A 176 -10.26 -1.41 15.45
C ILE A 176 -9.92 -2.20 16.70
N VAL A 177 -8.92 -1.72 17.45
CA VAL A 177 -8.59 -2.29 18.75
C VAL A 177 -9.10 -1.30 19.80
N LEU A 178 -10.00 -1.76 20.66
CA LEU A 178 -10.47 -1.00 21.83
C LEU A 178 -9.56 -1.37 23.01
N GLY A 179 -8.86 -0.36 23.52
CA GLY A 179 -8.00 -0.53 24.68
C GLY A 179 -6.52 -0.76 24.40
N GLY A 180 -6.09 -0.59 23.14
CA GLY A 180 -4.68 -0.80 22.79
C GLY A 180 -4.47 -0.65 21.31
N SER A 181 -3.42 -1.30 20.82
CA SER A 181 -2.99 -1.28 19.41
C SER A 181 -2.60 -2.73 19.06
N ASP A 182 -2.55 -3.06 17.78
CA ASP A 182 -2.13 -4.39 17.32
C ASP A 182 -0.79 -4.29 16.55
N PRO A 183 0.34 -4.72 17.18
CA PRO A 183 1.67 -4.63 16.56
C PRO A 183 1.80 -5.45 15.29
N GLN A 184 0.92 -6.42 15.08
CA GLN A 184 0.95 -7.15 13.84
C GLN A 184 0.65 -6.25 12.63
N HIS A 185 0.04 -5.09 12.85
CA HIS A 185 -0.38 -4.22 11.76
C HIS A 185 0.39 -2.89 11.58
N TYR A 186 1.51 -2.76 12.29
CA TYR A 186 2.38 -1.63 12.12
C TYR A 186 3.81 -2.06 12.38
N GLU A 187 4.74 -1.23 11.94
CA GLU A 187 6.15 -1.52 12.15
C GLU A 187 6.82 -0.21 12.48
N GLY A 188 8.04 -0.28 12.97
CA GLY A 188 8.68 0.92 13.47
C GLY A 188 7.96 1.34 14.74
N ASN A 189 8.18 2.60 15.13
CA ASN A 189 7.59 3.11 16.35
C ASN A 189 6.49 4.11 16.07
N PHE A 190 5.60 4.26 17.05
CA PHE A 190 4.63 5.33 17.03
C PHE A 190 5.29 6.66 17.27
N HIS A 191 4.87 7.67 16.51
CA HIS A 191 5.21 9.03 16.78
C HIS A 191 3.94 9.79 17.11
N TYR A 192 3.98 10.54 18.21
CA TYR A 192 2.75 11.20 18.71
C TYR A 192 2.71 12.73 18.52
N ILE A 193 1.50 13.26 18.38
CA ILE A 193 1.23 14.70 18.27
C ILE A 193 0.12 14.95 19.28
N ASN A 194 0.32 15.96 20.13
CA ASN A 194 -0.71 16.35 21.09
C ASN A 194 -1.90 16.95 20.37
N LEU A 195 -3.09 16.75 20.94
CA LEU A 195 -4.29 17.39 20.41
C LEU A 195 -4.17 18.89 20.71
N ILE A 196 -4.71 19.73 19.84
CA ILE A 196 -4.76 21.15 20.10
C ILE A 196 -5.53 21.35 21.41
N LYS A 197 -6.63 20.61 21.56
CA LYS A 197 -7.43 20.60 22.78
C LYS A 197 -8.27 19.31 22.88
N THR A 198 -8.51 18.86 24.11
CA THR A 198 -9.44 17.73 24.34
C THR A 198 -10.81 18.10 23.73
N GLY A 199 -11.57 17.12 23.24
CA GLY A 199 -12.86 17.44 22.60
C GLY A 199 -12.94 17.20 21.10
N VAL A 200 -11.79 17.26 20.42
CA VAL A 200 -11.71 17.00 18.99
C VAL A 200 -10.42 16.25 18.67
N TRP A 201 -10.53 15.23 17.81
CA TRP A 201 -9.38 14.50 17.28
C TRP A 201 -8.66 15.34 16.23
N GLN A 202 -8.00 16.39 16.70
CA GLN A 202 -7.42 17.41 15.79
C GLN A 202 -6.09 17.82 16.38
N ILE A 203 -5.11 17.91 15.49
CA ILE A 203 -3.73 18.18 15.89
C ILE A 203 -3.24 19.32 15.01
N GLN A 204 -2.14 19.93 15.45
CA GLN A 204 -1.53 20.99 14.67
C GLN A 204 -0.77 20.36 13.51
N MET A 205 -0.85 20.97 12.35
CA MET A 205 -0.02 20.58 11.22
C MET A 205 0.98 21.71 10.85
N LYS A 206 2.26 21.38 10.75
CA LYS A 206 3.32 22.37 10.47
C LYS A 206 3.39 22.87 9.04
N GLY A 207 3.09 22.02 8.05
CA GLY A 207 3.09 22.41 6.65
C GLY A 207 2.68 21.23 5.79
N VAL A 208 2.37 21.51 4.54
CA VAL A 208 2.04 20.49 3.58
C VAL A 208 2.91 20.81 2.38
N SER A 209 3.69 19.85 1.92
CA SER A 209 4.54 20.02 0.75
C SER A 209 4.12 19.11 -0.40
N VAL A 210 4.18 19.62 -1.62
CA VAL A 210 3.83 18.88 -2.82
C VAL A 210 5.07 18.88 -3.71
N GLY A 211 5.70 17.71 -3.84
CA GLY A 211 6.95 17.56 -4.59
C GLY A 211 8.15 17.63 -3.65
N SER A 212 8.30 18.79 -3.01
CA SER A 212 9.42 19.03 -2.07
C SER A 212 9.15 20.36 -1.39
N SER A 213 8.31 21.14 -2.07
CA SER A 213 8.08 22.54 -1.75
C SER A 213 6.84 22.73 -0.88
N THR A 214 7.07 23.26 0.32
CA THR A 214 5.97 23.61 1.22
C THR A 214 5.24 24.73 0.50
N LEU A 215 4.51 24.32 -0.54
CA LEU A 215 3.63 25.19 -1.26
C LEU A 215 2.48 25.54 -0.31
N LEU A 216 2.19 24.65 0.65
CA LEU A 216 0.95 24.76 1.43
C LEU A 216 1.06 24.82 2.94
N CYS A 217 0.05 25.42 3.56
CA CYS A 217 -0.02 25.45 5.03
C CYS A 217 1.31 26.01 5.58
N GLU A 218 1.79 27.10 4.99
CA GLU A 218 3.12 27.62 5.33
C GLU A 218 3.24 28.16 6.77
N ASP A 219 2.15 28.71 7.27
CA ASP A 219 2.07 29.22 8.65
C ASP A 219 1.56 28.21 9.65
N GLY A 220 1.31 26.99 9.19
CA GLY A 220 0.74 25.99 10.07
C GLY A 220 -0.76 25.99 9.82
N CYS A 221 -1.38 24.90 10.26
CA CYS A 221 -2.80 24.69 10.01
C CYS A 221 -3.27 23.56 10.91
N LEU A 222 -4.53 23.16 10.77
CA LEU A 222 -5.11 22.07 11.56
C LEU A 222 -5.37 20.84 10.70
N ALA A 223 -5.28 19.68 11.34
CA ALA A 223 -5.53 18.36 10.73
C ALA A 223 -6.43 17.62 11.69
N LEU A 224 -7.62 17.33 11.23
CA LEU A 224 -8.59 16.53 11.97
C LEU A 224 -8.42 15.07 11.44
N VAL A 225 -8.11 14.14 12.35
CA VAL A 225 -7.91 12.74 11.94
C VAL A 225 -9.29 12.09 12.00
N ASP A 226 -9.82 11.79 10.80
CA ASP A 226 -11.21 11.44 10.57
C ASP A 226 -11.38 10.03 9.98
N THR A 227 -11.63 9.06 10.84
CA THR A 227 -11.80 7.68 10.36
C THR A 227 -13.15 7.50 9.58
N GLY A 228 -14.11 8.42 9.74
CA GLY A 228 -15.39 8.37 9.00
C GLY A 228 -15.43 9.15 7.68
N ALA A 229 -14.27 9.35 7.07
CA ALA A 229 -14.03 10.07 5.80
C ALA A 229 -13.11 9.15 4.98
N SER A 230 -13.45 8.94 3.72
CA SER A 230 -12.59 8.06 2.90
C SER A 230 -11.29 8.68 2.44
N TYR A 231 -11.23 10.01 2.39
CA TYR A 231 -10.16 10.69 1.67
C TYR A 231 -9.48 11.71 2.55
N ILE A 232 -8.58 12.46 1.91
CA ILE A 232 -7.91 13.57 2.55
C ILE A 232 -8.55 14.86 1.97
N SER A 233 -8.82 15.82 2.82
CA SER A 233 -9.38 17.06 2.34
C SER A 233 -8.65 18.25 2.93
N GLY A 234 -8.66 19.36 2.21
CA GLY A 234 -8.29 20.65 2.79
C GLY A 234 -9.36 21.66 2.43
N SER A 235 -9.24 22.86 2.98
CA SER A 235 -10.12 23.97 2.59
C SER A 235 -10.13 24.12 1.06
N THR A 236 -11.17 24.75 0.56
CA THR A 236 -11.28 25.03 -0.87
C THR A 236 -10.04 25.73 -1.44
N SER A 237 -9.54 26.76 -0.75
CA SER A 237 -8.41 27.55 -1.25
C SER A 237 -7.09 26.76 -1.26
N SER A 238 -6.87 25.93 -0.24
CA SER A 238 -5.69 25.07 -0.18
C SER A 238 -5.73 24.05 -1.30
N ILE A 239 -6.91 23.50 -1.54
CA ILE A 239 -7.05 22.41 -2.51
C ILE A 239 -6.92 22.93 -3.93
N GLU A 240 -7.45 24.14 -4.16
CA GLU A 240 -7.23 24.88 -5.40
C GLU A 240 -5.74 25.03 -5.71
N LYS A 241 -4.94 25.52 -4.76
CA LYS A 241 -3.48 25.55 -4.87
C LYS A 241 -2.89 24.15 -5.14
N LEU A 242 -3.25 23.17 -4.31
CA LEU A 242 -2.76 21.79 -4.46
C LEU A 242 -3.09 21.23 -5.84
N MET A 243 -4.31 21.44 -6.32
CA MET A 243 -4.70 20.87 -7.60
C MET A 243 -4.06 21.56 -8.82
N GLU A 244 -3.74 22.84 -8.66
CA GLU A 244 -2.94 23.55 -9.65
C GLU A 244 -1.59 22.84 -9.81
N ALA A 245 -0.89 22.60 -8.70
CA ALA A 245 0.40 21.89 -8.70
C ALA A 245 0.37 20.49 -9.35
N LEU A 246 -0.77 19.80 -9.27
CA LEU A 246 -0.93 18.48 -9.85
C LEU A 246 -1.44 18.48 -11.31
N GLY A 247 -1.89 19.63 -11.81
CA GLY A 247 -2.51 19.70 -13.13
C GLY A 247 -3.79 18.88 -13.19
N ALA A 248 -4.51 18.85 -12.07
CA ALA A 248 -5.78 18.11 -11.99
C ALA A 248 -6.97 18.99 -12.37
N LYS A 249 -7.99 18.37 -12.96
CA LYS A 249 -9.20 19.05 -13.39
C LYS A 249 -10.31 18.86 -12.37
N LYS A 250 -10.97 19.96 -12.01
CA LYS A 250 -12.07 19.91 -11.07
C LYS A 250 -13.33 19.50 -11.81
N ARG A 251 -13.88 18.37 -11.40
CA ARG A 251 -15.18 17.93 -11.87
C ARG A 251 -16.14 18.41 -10.79
N LEU A 252 -17.29 17.75 -10.69
CA LEU A 252 -18.32 18.14 -9.72
C LEU A 252 -17.95 17.94 -8.24
N PHE A 253 -17.74 16.69 -7.85
CA PHE A 253 -17.39 16.36 -6.47
C PHE A 253 -15.93 15.97 -6.24
N ASP A 254 -15.22 15.70 -7.32
CA ASP A 254 -13.81 15.33 -7.19
C ASP A 254 -12.88 16.01 -8.18
N TYR A 255 -11.62 15.58 -8.16
CA TYR A 255 -10.62 16.09 -9.07
C TYR A 255 -10.02 14.89 -9.77
N VAL A 256 -9.74 15.08 -11.06
CA VAL A 256 -9.26 14.02 -11.93
C VAL A 256 -7.99 14.41 -12.67
N VAL A 257 -7.31 13.37 -13.13
CA VAL A 257 -6.11 13.50 -13.93
C VAL A 257 -6.20 12.45 -15.05
N LYS A 258 -5.57 12.68 -16.20
CA LYS A 258 -5.51 11.61 -17.20
C LYS A 258 -4.81 10.40 -16.57
N CYS A 259 -5.37 9.21 -16.79
CA CYS A 259 -4.84 8.02 -16.12
C CYS A 259 -3.36 7.74 -16.32
N ASN A 260 -2.86 7.92 -17.54
CA ASN A 260 -1.44 7.72 -17.85
C ASN A 260 -0.54 8.66 -17.05
N GLU A 261 -1.08 9.81 -16.63
CA GLU A 261 -0.31 10.78 -15.85
C GLU A 261 -0.27 10.45 -14.36
N GLY A 262 -1.16 9.56 -13.94
CA GLY A 262 -1.27 9.13 -12.55
C GLY A 262 0.03 8.71 -11.88
N PRO A 263 0.72 7.68 -12.41
CA PRO A 263 1.96 7.22 -11.78
C PRO A 263 3.09 8.23 -11.61
N THR A 264 3.01 9.39 -12.27
CA THR A 264 4.10 10.38 -12.29
C THR A 264 3.83 11.68 -11.51
N LEU A 265 2.69 11.72 -10.83
CA LEU A 265 2.35 12.82 -9.96
C LEU A 265 3.32 12.78 -8.77
N PRO A 266 3.58 13.94 -8.16
CA PRO A 266 4.52 14.05 -7.07
C PRO A 266 3.95 13.55 -5.75
N ASP A 267 4.87 13.39 -4.79
CA ASP A 267 4.55 13.03 -3.43
C ASP A 267 3.95 14.26 -2.77
N ILE A 268 3.06 14.01 -1.81
CA ILE A 268 2.47 15.03 -0.97
C ILE A 268 2.84 14.66 0.47
N SER A 269 3.46 15.57 1.18
CA SER A 269 3.85 15.29 2.57
C SER A 269 3.12 16.18 3.57
N PHE A 270 2.83 15.58 4.73
CA PHE A 270 2.12 16.22 5.81
C PHE A 270 3.06 16.27 7.00
N HIS A 271 3.43 17.50 7.40
CA HIS A 271 4.36 17.70 8.50
C HIS A 271 3.59 17.76 9.82
N LEU A 272 3.65 16.63 10.52
CA LEU A 272 2.93 16.40 11.78
C LEU A 272 3.89 16.10 12.89
N GLY A 273 3.84 16.93 13.94
CA GLY A 273 4.69 16.81 15.12
C GLY A 273 6.14 16.47 14.85
N GLY A 274 6.79 17.08 13.86
CA GLY A 274 8.21 16.67 13.68
C GLY A 274 8.53 15.43 12.85
N LYS A 275 7.51 14.78 12.28
CA LYS A 275 7.80 13.72 11.33
C LYS A 275 7.11 14.13 10.02
N GLU A 276 7.66 13.70 8.89
CA GLU A 276 7.03 13.99 7.61
C GLU A 276 6.25 12.73 7.21
N TYR A 277 4.97 12.88 6.88
CA TYR A 277 4.13 11.73 6.48
C TYR A 277 3.85 11.86 5.00
N THR A 278 4.48 10.99 4.21
CA THR A 278 4.52 11.16 2.77
C THR A 278 3.64 10.14 2.03
N LEU A 279 2.76 10.67 1.19
CA LEU A 279 1.92 9.88 0.28
C LEU A 279 2.48 10.01 -1.12
N THR A 280 2.54 8.90 -1.81
CA THR A 280 3.06 8.87 -3.17
C THR A 280 1.82 8.84 -4.07
N SER A 281 1.99 9.01 -5.37
CA SER A 281 0.86 8.98 -6.28
C SER A 281 0.06 7.67 -6.24
N ALA A 282 0.72 6.53 -6.02
CA ALA A 282 -0.03 5.29 -5.85
C ALA A 282 -0.97 5.29 -4.62
N ASP A 283 -0.61 6.06 -3.60
CA ASP A 283 -1.44 6.23 -2.40
C ASP A 283 -2.68 7.11 -2.64
N TYR A 284 -2.62 8.09 -3.54
CA TYR A 284 -3.75 9.02 -3.66
C TYR A 284 -4.47 9.08 -5.00
N VAL A 285 -4.03 8.26 -5.94
CA VAL A 285 -4.72 8.13 -7.23
C VAL A 285 -5.43 6.80 -7.31
N PHE A 286 -6.70 6.82 -7.69
CA PHE A 286 -7.40 5.58 -7.98
C PHE A 286 -7.00 5.23 -9.41
N GLN A 287 -5.98 4.39 -9.50
CA GLN A 287 -5.36 4.04 -10.78
C GLN A 287 -6.17 2.94 -11.47
N GLU A 288 -7.28 3.34 -12.09
CA GLU A 288 -8.22 2.37 -12.66
C GLU A 288 -7.63 1.69 -13.88
N SER A 289 -7.17 2.51 -14.83
CA SER A 289 -6.44 2.11 -16.03
C SER A 289 -5.20 3.03 -16.10
N TYR A 290 -4.42 2.92 -17.18
CA TYR A 290 -3.31 3.86 -17.40
C TYR A 290 -3.51 4.51 -18.77
N SER A 291 -4.74 4.46 -19.26
CA SER A 291 -5.09 5.00 -20.56
C SER A 291 -5.06 6.52 -20.58
N SER A 292 -4.57 7.11 -21.67
CA SER A 292 -4.63 8.56 -21.83
C SER A 292 -6.05 9.00 -22.26
N LYS A 293 -6.91 8.02 -22.54
CA LYS A 293 -8.29 8.27 -22.96
C LYS A 293 -9.25 8.16 -21.75
N LYS A 294 -8.70 7.87 -20.57
CA LYS A 294 -9.50 7.76 -19.35
C LYS A 294 -9.06 8.77 -18.30
N LEU A 295 -9.99 9.08 -17.39
CA LEU A 295 -9.74 10.01 -16.28
C LEU A 295 -9.72 9.23 -14.96
N CYS A 296 -8.75 9.57 -14.13
CA CYS A 296 -8.56 8.88 -12.88
C CYS A 296 -8.80 9.87 -11.72
N THR A 297 -9.60 9.43 -10.75
CA THR A 297 -9.96 10.29 -9.64
C THR A 297 -8.88 10.31 -8.55
N LEU A 298 -8.68 11.47 -7.93
CA LEU A 298 -7.76 11.60 -6.80
C LEU A 298 -8.51 11.48 -5.46
N ALA A 299 -7.84 10.89 -4.47
CA ALA A 299 -8.38 10.67 -3.14
C ALA A 299 -8.18 11.91 -2.27
N ILE A 300 -8.34 13.08 -2.88
CA ILE A 300 -8.15 14.38 -2.23
C ILE A 300 -9.32 15.28 -2.63
N HIS A 301 -10.02 15.82 -1.62
CA HIS A 301 -11.19 16.68 -1.80
C HIS A 301 -11.08 18.02 -1.08
N ALA A 302 -11.99 18.92 -1.41
CA ALA A 302 -12.21 20.19 -0.75
C ALA A 302 -13.28 19.97 0.32
N MET A 303 -12.97 20.36 1.54
CA MET A 303 -13.97 20.36 2.55
C MET A 303 -13.78 21.56 3.45
N ASP A 304 -14.80 22.39 3.55
CA ASP A 304 -14.76 23.59 4.36
C ASP A 304 -15.57 23.44 5.65
N ILE A 305 -14.87 23.34 6.78
CA ILE A 305 -15.49 23.17 8.08
C ILE A 305 -15.47 24.55 8.69
N PRO A 306 -16.65 25.06 9.08
CA PRO A 306 -16.73 26.36 9.78
C PRO A 306 -16.04 26.40 11.15
N PRO A 307 -15.53 27.58 11.55
CA PRO A 307 -14.98 27.70 12.92
C PRO A 307 -16.12 27.38 13.90
N PRO A 308 -15.81 26.98 15.15
CA PRO A 308 -14.51 26.79 15.81
C PRO A 308 -13.63 25.63 15.28
N THR A 309 -14.23 24.59 14.71
CA THR A 309 -13.44 23.39 14.36
C THR A 309 -12.53 23.64 13.17
N GLY A 310 -13.08 24.32 12.19
CA GLY A 310 -12.36 24.65 10.96
C GLY A 310 -11.98 26.12 10.92
N PRO A 311 -11.27 26.55 9.86
CA PRO A 311 -10.81 25.78 8.71
C PRO A 311 -9.86 24.66 9.17
N THR A 312 -9.91 23.51 8.50
CA THR A 312 -9.07 22.38 8.87
C THR A 312 -8.93 21.46 7.66
N TRP A 313 -7.77 20.81 7.55
CA TRP A 313 -7.61 19.62 6.70
C TRP A 313 -8.25 18.45 7.44
N ALA A 314 -8.66 17.40 6.71
CA ALA A 314 -9.13 16.17 7.39
C ALA A 314 -8.32 15.00 6.83
N LEU A 315 -7.81 14.14 7.71
CA LEU A 315 -7.04 12.98 7.25
C LEU A 315 -7.89 11.73 7.42
N GLY A 316 -8.44 11.26 6.31
CA GLY A 316 -9.32 10.13 6.28
C GLY A 316 -8.63 8.86 5.89
N ALA A 317 -9.39 7.93 5.34
CA ALA A 317 -8.87 6.58 5.03
C ALA A 317 -7.63 6.51 4.15
N THR A 318 -7.53 7.40 3.16
CA THR A 318 -6.29 7.53 2.32
C THR A 318 -5.01 7.60 3.18
N PHE A 319 -5.04 8.44 4.22
CA PHE A 319 -3.95 8.63 5.16
C PHE A 319 -3.78 7.42 6.13
N ILE A 320 -4.87 7.00 6.74
CA ILE A 320 -4.89 5.92 7.74
C ILE A 320 -4.48 4.57 7.12
N ARG A 321 -4.79 4.34 5.85
CA ARG A 321 -4.37 3.12 5.17
C ARG A 321 -2.85 3.02 5.20
N LYS A 322 -2.16 4.14 5.06
CA LYS A 322 -0.70 4.08 5.06
C LYS A 322 -0.14 4.12 6.50
N PHE A 323 -0.82 4.85 7.38
CA PHE A 323 -0.34 5.06 8.75
C PHE A 323 -1.33 4.58 9.78
N TYR A 324 -1.02 3.42 10.37
CA TYR A 324 -1.79 2.88 11.48
C TYR A 324 -1.93 4.01 12.52
N THR A 325 -3.15 4.23 13.02
CA THR A 325 -3.43 5.37 13.91
C THR A 325 -3.98 4.98 15.26
N GLU A 326 -3.33 5.46 16.30
CA GLU A 326 -3.78 5.27 17.67
C GLU A 326 -4.32 6.57 18.25
N PHE A 327 -5.53 6.51 18.82
CA PHE A 327 -6.22 7.67 19.40
C PHE A 327 -6.16 7.50 20.92
N ASP A 328 -5.38 8.35 21.57
CA ASP A 328 -5.09 8.17 22.97
C ASP A 328 -5.83 9.24 23.73
N ARG A 329 -6.84 8.81 24.48
CA ARG A 329 -7.63 9.72 25.29
C ARG A 329 -6.97 10.06 26.65
N ARG A 330 -6.17 9.13 27.17
CA ARG A 330 -5.50 9.31 28.45
C ARG A 330 -4.57 10.51 28.31
N ASN A 331 -3.74 10.48 27.26
CA ASN A 331 -2.74 11.54 27.02
C ASN A 331 -3.12 12.66 26.04
N ASN A 332 -4.35 12.63 25.52
CA ASN A 332 -4.81 13.65 24.54
C ASN A 332 -3.83 13.86 23.39
N ARG A 333 -3.63 12.77 22.65
CA ARG A 333 -2.65 12.71 21.57
C ARG A 333 -3.10 11.67 20.53
N ILE A 334 -2.54 11.77 19.33
CA ILE A 334 -2.71 10.79 18.27
C ILE A 334 -1.31 10.32 17.94
N GLY A 335 -1.17 9.01 17.79
CA GLY A 335 0.08 8.45 17.32
C GLY A 335 -0.09 7.81 15.96
N PHE A 336 0.95 7.95 15.14
CA PHE A 336 1.04 7.28 13.84
C PHE A 336 2.20 6.33 13.76
N ALA A 337 1.98 5.20 13.11
CA ALA A 337 3.08 4.29 12.79
C ALA A 337 2.82 3.74 11.39
N LEU A 338 3.86 3.27 10.72
CA LEU A 338 3.76 2.75 9.35
C LEU A 338 2.98 1.45 9.33
N ALA A 339 1.83 1.45 8.66
CA ALA A 339 0.97 0.29 8.63
C ALA A 339 1.61 -0.85 7.86
N ARG A 340 1.32 -2.08 8.27
CA ARG A 340 1.67 -3.26 7.46
C ARG A 340 0.55 -4.31 7.48
N GLY B 4 18.04 -11.85 16.45
CA GLY B 4 16.96 -10.90 16.06
C GLY B 4 15.52 -11.32 16.31
N ASN B 5 14.64 -10.35 16.56
CA ASN B 5 13.23 -10.58 16.94
C ASN B 5 12.22 -10.04 15.91
N THR B 6 12.74 -9.44 14.85
CA THR B 6 11.97 -8.56 13.99
C THR B 6 11.89 -8.93 12.51
N THR B 7 10.79 -8.52 11.90
CA THR B 7 10.69 -8.51 10.45
C THR B 7 10.26 -7.10 10.01
N SER B 8 10.58 -6.75 8.77
CA SER B 8 10.21 -5.44 8.21
C SER B 8 9.60 -5.72 6.85
N SER B 9 8.47 -5.08 6.59
CA SER B 9 7.88 -5.23 5.29
C SER B 9 7.83 -3.91 4.50
N VAL B 10 7.88 -4.03 3.18
CA VAL B 10 7.79 -2.90 2.29
C VAL B 10 6.70 -3.25 1.33
N ILE B 11 5.66 -2.43 1.33
CA ILE B 11 4.59 -2.59 0.37
C ILE B 11 5.02 -2.10 -1.02
N LEU B 12 4.67 -2.86 -2.05
CA LEU B 12 5.10 -2.55 -3.42
C LEU B 12 3.93 -2.12 -4.28
N THR B 13 4.23 -1.17 -5.17
CA THR B 13 3.30 -0.80 -6.22
C THR B 13 3.59 -1.67 -7.45
N ASN B 14 2.51 -2.21 -8.02
CA ASN B 14 2.58 -2.95 -9.28
C ASN B 14 2.18 -1.99 -10.42
N TYR B 15 3.11 -1.72 -11.32
CA TYR B 15 2.78 -0.96 -12.52
C TYR B 15 2.72 -1.90 -13.74
N MET B 16 1.51 -2.19 -14.24
CA MET B 16 1.27 -3.01 -15.46
C MET B 16 1.90 -4.41 -15.50
N ASP B 17 2.17 -4.98 -14.31
CA ASP B 17 2.80 -6.31 -14.17
C ASP B 17 4.26 -6.34 -14.66
N THR B 18 4.82 -5.16 -14.92
CA THR B 18 6.20 -5.04 -15.42
C THR B 18 7.16 -4.34 -14.46
N GLN B 19 6.66 -3.55 -13.51
CA GLN B 19 7.55 -2.90 -12.55
C GLN B 19 6.90 -3.02 -11.19
N TYR B 20 7.69 -3.32 -10.18
CA TYR B 20 7.21 -3.42 -8.78
C TYR B 20 8.24 -2.63 -7.99
N TYR B 21 7.77 -1.59 -7.31
CA TYR B 21 8.66 -0.72 -6.55
C TYR B 21 8.02 -0.30 -5.23
N GLY B 22 8.86 0.04 -4.28
CA GLY B 22 8.37 0.47 -3.00
C GLY B 22 9.18 1.66 -2.60
N GLU B 23 8.97 2.12 -1.38
CA GLU B 23 9.64 3.32 -0.92
C GLU B 23 10.77 3.07 0.05
N ILE B 24 11.79 3.92 -0.07
CA ILE B 24 12.83 4.07 0.97
C ILE B 24 12.99 5.55 1.30
N GLY B 25 13.45 5.85 2.50
CA GLY B 25 13.72 7.25 2.87
C GLY B 25 15.22 7.46 3.02
N ILE B 26 15.81 8.46 2.37
CA ILE B 26 17.27 8.72 2.53
C ILE B 26 17.55 10.08 3.22
N GLY B 27 18.40 10.08 4.23
CA GLY B 27 18.81 11.29 4.93
C GLY B 27 18.05 11.68 6.19
N THR B 28 18.43 12.82 6.75
CA THR B 28 17.76 13.39 7.91
C THR B 28 17.41 14.85 7.60
N PRO B 29 16.11 15.17 7.44
CA PRO B 29 15.03 14.19 7.51
C PRO B 29 14.99 13.34 6.21
N PRO B 30 14.34 12.16 6.25
CA PRO B 30 14.33 11.32 5.04
C PRO B 30 13.71 11.93 3.76
N GLN B 31 14.44 11.85 2.65
CA GLN B 31 13.89 12.15 1.31
C GLN B 31 13.43 10.81 0.74
N THR B 32 12.18 10.75 0.28
CA THR B 32 11.51 9.53 -0.17
C THR B 32 11.72 9.22 -1.66
N PHE B 33 12.18 8.01 -1.95
CA PHE B 33 12.36 7.59 -3.33
C PHE B 33 11.59 6.31 -3.59
N LYS B 34 11.17 6.13 -4.83
CA LYS B 34 10.61 4.87 -5.29
C LYS B 34 11.74 4.02 -5.83
N VAL B 35 11.83 2.77 -5.36
CA VAL B 35 12.89 1.89 -5.82
C VAL B 35 12.41 0.47 -6.21
N VAL B 36 13.12 -0.14 -7.15
CA VAL B 36 13.02 -1.60 -7.37
C VAL B 36 13.98 -2.25 -6.37
N PHE B 37 13.54 -3.35 -5.77
CA PHE B 37 14.42 -4.17 -4.91
C PHE B 37 14.84 -5.31 -5.85
N ASP B 38 16.12 -5.28 -6.24
CA ASP B 38 16.64 -6.06 -7.33
C ASP B 38 17.62 -7.14 -6.87
N THR B 39 17.18 -8.39 -6.89
CA THR B 39 18.06 -9.51 -6.50
C THR B 39 19.13 -9.82 -7.57
N GLY B 40 18.92 -9.30 -8.79
CA GLY B 40 19.93 -9.31 -9.86
C GLY B 40 21.16 -8.41 -9.74
N SER B 41 21.18 -7.46 -8.81
CA SER B 41 22.33 -6.56 -8.60
C SER B 41 22.52 -6.26 -7.11
N SER B 42 23.53 -5.47 -6.73
CA SER B 42 23.90 -5.38 -5.33
C SER B 42 24.22 -3.97 -4.80
N ASN B 43 24.03 -2.96 -5.64
CA ASN B 43 24.22 -1.54 -5.29
C ASN B 43 22.91 -0.79 -5.04
N VAL B 44 22.97 0.17 -4.12
CA VAL B 44 21.89 1.09 -3.93
C VAL B 44 22.27 2.36 -4.68
N TRP B 45 21.29 2.92 -5.40
CA TRP B 45 21.45 4.23 -6.02
C TRP B 45 20.11 4.95 -6.21
N VAL B 46 20.16 6.29 -6.18
CA VAL B 46 19.02 7.12 -6.52
C VAL B 46 19.56 8.26 -7.41
N PRO B 47 18.68 8.92 -8.18
CA PRO B 47 19.16 10.06 -8.98
C PRO B 47 19.62 11.18 -8.06
N SER B 48 20.68 11.87 -8.49
CA SER B 48 21.32 12.97 -7.74
C SER B 48 20.83 14.35 -8.14
N SER B 49 20.78 15.27 -7.18
CA SER B 49 20.51 16.69 -7.49
C SER B 49 21.59 17.29 -8.42
N LYS B 50 22.76 16.66 -8.47
CA LYS B 50 23.83 17.08 -9.38
C LYS B 50 23.62 16.56 -10.81
N CYS B 51 22.59 15.75 -11.03
CA CYS B 51 22.28 15.27 -12.38
C CYS B 51 21.76 16.35 -13.34
N SER B 52 22.47 16.56 -14.45
CA SER B 52 22.09 17.59 -15.42
C SER B 52 20.67 17.42 -15.98
N ARG B 53 19.93 18.54 -16.10
CA ARG B 53 18.54 18.51 -16.62
C ARG B 53 18.42 18.14 -18.10
N LEU B 54 19.56 17.98 -18.78
CA LEU B 54 19.53 17.52 -20.18
C LEU B 54 19.37 16.01 -20.29
N TYR B 55 19.56 15.31 -19.17
CA TYR B 55 19.11 13.93 -19.03
C TYR B 55 17.66 14.14 -18.63
N THR B 56 16.76 13.79 -19.54
CA THR B 56 15.32 13.98 -19.36
C THR B 56 14.77 13.15 -18.18
N ALA B 57 15.39 11.99 -17.97
CA ALA B 57 15.09 11.08 -16.86
C ALA B 57 15.33 11.78 -15.52
N CYS B 58 16.33 12.66 -15.46
CA CYS B 58 16.58 13.45 -14.25
C CYS B 58 15.62 14.61 -14.08
N VAL B 59 14.98 15.06 -15.16
CA VAL B 59 13.92 16.06 -15.02
C VAL B 59 12.71 15.32 -14.45
N TYR B 60 12.56 14.07 -14.88
CA TYR B 60 11.36 13.30 -14.58
C TYR B 60 11.35 12.46 -13.31
N HIS B 61 12.52 12.17 -12.73
CA HIS B 61 12.55 11.50 -11.42
C HIS B 61 12.93 12.39 -10.22
N LYS B 62 12.71 11.87 -9.02
CA LYS B 62 13.07 12.60 -7.81
C LYS B 62 14.58 12.55 -7.61
N LEU B 63 15.17 13.69 -7.22
CA LEU B 63 16.61 13.78 -7.01
C LEU B 63 16.98 13.96 -5.54
N PHE B 64 18.04 13.26 -5.11
CA PHE B 64 18.54 13.39 -3.75
C PHE B 64 19.39 14.67 -3.60
N ASP B 65 18.99 15.52 -2.66
CA ASP B 65 19.74 16.74 -2.35
C ASP B 65 20.48 16.51 -1.05
N ALA B 66 21.78 16.23 -1.17
CA ALA B 66 22.64 15.93 -0.03
C ALA B 66 22.76 17.09 1.00
N SER B 67 22.82 18.32 0.50
CA SER B 67 22.96 19.49 1.36
C SER B 67 21.74 19.57 2.28
N ASP B 68 20.62 19.01 1.81
CA ASP B 68 19.36 18.96 2.57
C ASP B 68 19.32 17.92 3.68
N SER B 69 20.38 17.14 3.82
CA SER B 69 20.43 16.10 4.87
C SER B 69 21.58 16.29 5.86
N SER B 70 21.26 16.32 7.15
CA SER B 70 22.24 16.52 8.22
C SER B 70 23.10 15.30 8.51
N SER B 71 22.67 14.13 8.01
CA SER B 71 23.40 12.89 8.20
C SER B 71 24.23 12.48 6.99
N TYR B 72 24.13 13.26 5.92
CA TYR B 72 24.93 13.00 4.72
C TYR B 72 26.42 13.02 5.03
N LYS B 73 27.14 12.05 4.48
CA LYS B 73 28.59 11.99 4.60
C LYS B 73 29.17 11.82 3.19
N HIS B 74 30.02 12.78 2.81
CA HIS B 74 30.67 12.81 1.49
C HIS B 74 31.63 11.66 1.22
N ASN B 75 31.67 11.22 -0.03
CA ASN B 75 32.69 10.25 -0.46
C ASN B 75 33.26 10.59 -1.85
N GLY B 76 32.39 10.69 -2.86
CA GLY B 76 32.81 11.15 -4.18
C GLY B 76 33.36 10.17 -5.21
N THR B 77 33.76 8.99 -4.77
CA THR B 77 34.19 7.93 -5.68
C THR B 77 33.19 7.73 -6.83
N GLU B 78 33.70 7.78 -8.06
CA GLU B 78 32.84 7.61 -9.22
C GLU B 78 32.47 6.14 -9.42
N LEU B 79 31.22 5.93 -9.82
CA LEU B 79 30.61 4.61 -9.93
C LEU B 79 29.91 4.48 -11.30
N THR B 80 30.17 3.39 -12.01
CA THR B 80 29.41 3.07 -13.21
C THR B 80 28.73 1.71 -13.01
N LEU B 81 27.41 1.66 -13.22
CA LEU B 81 26.62 0.45 -12.99
C LEU B 81 25.99 0.00 -14.29
N ARG B 82 26.50 -1.09 -14.85
CA ARG B 82 25.98 -1.59 -16.09
C ARG B 82 24.95 -2.73 -15.87
N TYR B 83 23.69 -2.48 -16.18
CA TYR B 83 22.68 -3.55 -16.13
C TYR B 83 22.45 -4.12 -17.52
N SER B 84 21.87 -5.31 -17.61
CA SER B 84 21.49 -5.78 -18.95
C SER B 84 20.60 -4.75 -19.68
N THR B 85 19.71 -4.08 -18.95
CA THR B 85 18.80 -3.09 -19.57
C THR B 85 19.32 -1.66 -19.77
N GLY B 86 20.41 -1.30 -19.11
CA GLY B 86 20.92 0.04 -19.27
C GLY B 86 22.01 0.33 -18.28
N THR B 87 22.73 1.41 -18.53
CA THR B 87 23.86 1.84 -17.68
C THR B 87 23.59 3.19 -17.03
N VAL B 88 23.95 3.33 -15.77
CA VAL B 88 23.87 4.60 -15.03
C VAL B 88 25.26 4.89 -14.45
N SER B 89 25.53 6.15 -14.13
CA SER B 89 26.81 6.55 -13.54
C SER B 89 26.57 7.67 -12.55
N GLY B 90 27.48 7.75 -11.58
CA GLY B 90 27.40 8.74 -10.54
C GLY B 90 28.58 8.57 -9.63
N PHE B 91 28.38 8.87 -8.36
CA PHE B 91 29.44 8.85 -7.34
C PHE B 91 28.84 8.38 -6.01
N LEU B 92 29.68 7.84 -5.14
CA LEU B 92 29.23 7.37 -3.83
C LEU B 92 29.06 8.46 -2.81
N SER B 93 28.07 8.24 -1.94
CA SER B 93 27.71 9.08 -0.79
C SER B 93 27.24 8.15 0.34
N GLN B 94 27.29 8.67 1.57
CA GLN B 94 26.82 7.90 2.71
C GLN B 94 25.70 8.60 3.44
N ASP B 95 24.69 7.82 3.85
CA ASP B 95 23.58 8.40 4.63
C ASP B 95 22.77 7.32 5.33
N ILE B 96 21.78 7.75 6.11
CA ILE B 96 20.89 6.82 6.80
C ILE B 96 19.76 6.51 5.81
N ILE B 97 19.46 5.22 5.64
CA ILE B 97 18.35 4.78 4.78
C ILE B 97 17.30 4.05 5.61
N THR B 98 16.05 4.50 5.46
CA THR B 98 14.88 3.91 6.14
C THR B 98 14.16 2.98 5.16
N VAL B 99 14.04 1.71 5.55
CA VAL B 99 13.29 0.72 4.75
C VAL B 99 12.32 -0.07 5.66
N GLY B 100 11.02 0.23 5.49
CA GLY B 100 9.95 -0.30 6.33
C GLY B 100 10.23 -0.14 7.83
N GLY B 101 10.52 1.06 8.30
CA GLY B 101 10.82 1.12 9.74
C GLY B 101 12.15 0.57 10.28
N ILE B 102 12.98 -0.05 9.44
CA ILE B 102 14.39 -0.31 9.79
C ILE B 102 15.22 0.91 9.29
N THR B 103 16.18 1.38 10.09
CA THR B 103 17.12 2.40 9.59
C THR B 103 18.55 1.85 9.61
N VAL B 104 19.26 2.08 8.50
CA VAL B 104 20.63 1.59 8.31
C VAL B 104 21.49 2.68 7.65
N THR B 105 22.73 2.82 8.12
CA THR B 105 23.75 3.69 7.50
C THR B 105 24.32 2.91 6.31
N GLN B 106 24.24 3.51 5.12
CA GLN B 106 24.53 2.80 3.88
C GLN B 106 25.31 3.64 2.84
N MET B 107 26.25 3.03 2.13
CA MET B 107 26.88 3.66 0.95
C MET B 107 26.02 3.41 -0.27
N PHE B 108 25.69 4.47 -1.00
CA PHE B 108 24.85 4.39 -2.18
C PHE B 108 25.37 5.33 -3.28
N GLY B 109 24.88 5.15 -4.49
CA GLY B 109 25.27 6.00 -5.59
C GLY B 109 24.29 7.13 -5.81
N GLU B 110 24.83 8.33 -6.00
CA GLU B 110 24.06 9.46 -6.48
C GLU B 110 24.36 9.44 -7.96
N VAL B 111 23.34 9.16 -8.76
CA VAL B 111 23.43 8.98 -10.19
C VAL B 111 23.26 10.31 -10.95
N THR B 112 24.21 10.57 -11.85
CA THR B 112 24.26 11.85 -12.55
C THR B 112 24.17 11.67 -14.05
N GLU B 113 24.19 10.41 -14.50
CA GLU B 113 24.00 10.08 -15.90
C GLU B 113 22.93 8.99 -15.99
N MET B 114 21.81 9.33 -16.61
CA MET B 114 20.63 8.47 -16.65
C MET B 114 19.95 8.52 -18.02
N PRO B 115 20.11 7.45 -18.83
CA PRO B 115 19.57 7.31 -20.20
C PRO B 115 18.04 7.18 -20.32
N ALA B 116 17.47 7.87 -21.31
CA ALA B 116 16.02 7.87 -21.54
C ALA B 116 15.48 6.45 -21.66
N LEU B 117 16.25 5.58 -22.31
CA LEU B 117 15.92 4.17 -22.41
C LEU B 117 16.87 3.47 -21.43
N PRO B 118 16.36 2.81 -20.38
CA PRO B 118 14.96 2.60 -19.98
C PRO B 118 14.41 3.57 -18.92
N PHE B 119 15.24 4.48 -18.41
CA PHE B 119 14.84 5.24 -17.22
C PHE B 119 13.69 6.23 -17.38
N MET B 120 13.29 6.50 -18.62
CA MET B 120 12.16 7.39 -18.88
C MET B 120 10.90 6.52 -18.91
N LEU B 121 11.06 5.22 -19.09
CA LEU B 121 9.86 4.37 -18.97
C LEU B 121 9.72 3.78 -17.55
N ALA B 122 10.76 3.96 -16.73
CA ALA B 122 10.77 3.54 -15.33
C ALA B 122 9.91 4.47 -14.48
N GLU B 123 8.98 3.90 -13.71
CA GLU B 123 8.08 4.70 -12.87
C GLU B 123 8.60 4.91 -11.44
N PHE B 124 9.83 4.51 -11.21
CA PHE B 124 10.42 4.61 -9.89
C PHE B 124 11.73 5.34 -10.10
N ASP B 125 12.44 5.67 -9.03
CA ASP B 125 13.60 6.54 -9.13
C ASP B 125 14.92 5.83 -9.18
N GLY B 126 15.08 4.80 -8.36
CA GLY B 126 16.37 4.17 -8.23
C GLY B 126 16.26 2.69 -7.93
N VAL B 127 17.33 2.11 -7.41
CA VAL B 127 17.45 0.64 -7.27
C VAL B 127 18.06 0.32 -5.91
N VAL B 128 17.50 -0.68 -5.24
CA VAL B 128 18.12 -1.26 -4.05
C VAL B 128 18.53 -2.69 -4.45
N GLY B 129 19.83 -2.88 -4.72
CA GLY B 129 20.35 -4.20 -5.05
C GLY B 129 20.23 -5.17 -3.87
N MET B 130 19.57 -6.30 -4.08
CA MET B 130 19.41 -7.29 -3.00
C MET B 130 20.37 -8.48 -3.18
N GLY B 131 21.33 -8.31 -4.09
CA GLY B 131 22.32 -9.32 -4.37
C GLY B 131 23.46 -9.30 -3.35
N PHE B 132 24.43 -10.17 -3.60
CA PHE B 132 25.60 -10.33 -2.72
C PHE B 132 26.69 -9.31 -3.04
N ILE B 133 27.61 -9.12 -2.08
CA ILE B 133 28.75 -8.21 -2.24
C ILE B 133 29.64 -8.57 -3.44
N GLU B 134 29.65 -9.85 -3.84
CA GLU B 134 30.47 -10.31 -4.95
C GLU B 134 30.10 -9.63 -6.28
N GLN B 135 28.85 -9.18 -6.41
CA GLN B 135 28.40 -8.50 -7.63
C GLN B 135 28.26 -7.00 -7.45
N ALA B 136 28.58 -6.52 -6.24
CA ALA B 136 28.56 -5.10 -5.90
C ALA B 136 29.68 -4.32 -6.59
N ILE B 137 29.31 -3.35 -7.41
CA ILE B 137 30.32 -2.54 -8.09
C ILE B 137 30.94 -1.56 -7.11
N GLY B 138 32.26 -1.40 -7.23
CA GLY B 138 33.03 -0.63 -6.27
C GLY B 138 33.12 -1.37 -4.96
N ARG B 139 32.70 -2.64 -4.98
CA ARG B 139 32.68 -3.54 -3.82
C ARG B 139 32.00 -3.01 -2.54
N VAL B 140 31.10 -2.02 -2.68
CA VAL B 140 30.39 -1.46 -1.52
C VAL B 140 29.48 -2.52 -0.89
N THR B 141 29.40 -2.53 0.43
CA THR B 141 28.58 -3.50 1.15
C THR B 141 27.06 -3.28 0.91
N PRO B 142 26.34 -4.31 0.37
CA PRO B 142 24.92 -4.13 0.07
C PRO B 142 24.11 -3.86 1.33
N ILE B 143 22.95 -3.25 1.13
CA ILE B 143 22.10 -2.90 2.26
C ILE B 143 21.65 -4.09 3.15
N PHE B 144 21.42 -5.26 2.56
CA PHE B 144 20.93 -6.40 3.33
C PHE B 144 22.02 -6.90 4.27
N ASP B 145 23.26 -6.91 3.79
CA ASP B 145 24.41 -7.20 4.63
C ASP B 145 24.50 -6.24 5.81
N ASN B 146 24.31 -4.95 5.56
CA ASN B 146 24.32 -3.95 6.62
C ASN B 146 23.18 -4.16 7.63
N ILE B 147 22.01 -4.58 7.15
CA ILE B 147 20.85 -4.78 8.01
C ILE B 147 21.04 -5.99 8.94
N ILE B 148 21.63 -7.03 8.36
CA ILE B 148 21.96 -8.29 9.02
C ILE B 148 22.99 -8.06 10.11
N SER B 149 23.91 -7.14 9.87
CA SER B 149 24.96 -6.79 10.82
C SER B 149 24.40 -6.15 12.08
N GLN B 150 23.15 -5.71 12.07
CA GLN B 150 22.62 -5.12 13.30
C GLN B 150 21.89 -6.08 14.24
N GLY B 151 21.79 -7.35 13.82
CA GLY B 151 21.15 -8.41 14.60
C GLY B 151 19.73 -8.13 15.05
N VAL B 152 18.92 -7.54 14.17
CA VAL B 152 17.51 -7.25 14.48
C VAL B 152 16.53 -8.21 13.80
N LEU B 153 16.90 -8.72 12.63
CA LEU B 153 16.01 -9.60 11.84
C LEU B 153 15.90 -11.01 12.42
N LYS B 154 14.69 -11.57 12.35
CA LYS B 154 14.39 -12.88 12.91
C LYS B 154 15.20 -13.97 12.24
N GLU B 155 15.37 -13.82 10.93
CA GLU B 155 16.05 -14.81 10.11
C GLU B 155 16.79 -14.05 9.00
N ASP B 156 17.88 -14.64 8.52
CA ASP B 156 18.73 -14.03 7.50
C ASP B 156 18.17 -14.38 6.10
N VAL B 157 16.92 -13.99 5.91
CA VAL B 157 16.15 -14.24 4.69
C VAL B 157 15.36 -12.99 4.34
N PHE B 158 14.99 -12.90 3.07
CA PHE B 158 14.02 -11.91 2.66
C PHE B 158 13.11 -12.52 1.60
N SER B 159 11.88 -12.03 1.53
CA SER B 159 10.89 -12.64 0.62
C SER B 159 10.17 -11.63 -0.24
N PHE B 160 9.66 -12.12 -1.37
CA PHE B 160 8.95 -11.30 -2.37
C PHE B 160 7.62 -11.91 -2.73
N TYR B 161 6.59 -11.06 -2.64
CA TYR B 161 5.27 -11.34 -3.15
C TYR B 161 5.05 -10.33 -4.24
N TYR B 162 4.76 -10.81 -5.46
CA TYR B 162 4.35 -9.92 -6.55
C TYR B 162 2.92 -10.29 -6.94
N ASN B 163 1.98 -9.37 -6.81
CA ASN B 163 0.59 -9.66 -7.14
C ASN B 163 0.38 -9.47 -8.63
N ARG B 164 -0.70 -10.05 -9.15
CA ARG B 164 -1.21 -9.83 -10.50
C ARG B 164 -1.98 -8.50 -10.55
N ASP B 165 -1.76 -7.70 -11.59
CA ASP B 165 -2.41 -6.39 -11.75
C ASP B 165 -3.93 -6.52 -11.94
N SER B 166 -4.68 -5.65 -11.27
CA SER B 166 -6.14 -5.62 -11.41
C SER B 166 -6.63 -4.26 -11.95
N GLU B 167 -7.85 -4.23 -12.49
CA GLU B 167 -8.45 -2.97 -12.99
C GLU B 167 -9.14 -2.21 -11.85
N SER B 171 -5.78 -2.86 -4.74
CA SER B 171 -5.12 -4.10 -4.22
C SER B 171 -3.63 -3.90 -3.99
N LEU B 172 -3.09 -4.71 -3.10
CA LEU B 172 -1.69 -4.65 -2.82
C LEU B 172 -0.94 -5.05 -4.10
N GLY B 173 0.01 -4.24 -4.54
CA GLY B 173 0.78 -4.59 -5.71
C GLY B 173 1.81 -5.70 -5.43
N GLY B 174 2.33 -5.72 -4.21
CA GLY B 174 3.32 -6.69 -3.83
C GLY B 174 3.84 -6.34 -2.45
N GLN B 175 4.76 -7.16 -1.99
CA GLN B 175 5.33 -6.96 -0.68
C GLN B 175 6.67 -7.66 -0.55
N ILE B 176 7.61 -6.95 0.04
CA ILE B 176 8.87 -7.56 0.46
C ILE B 176 8.88 -7.67 1.96
N VAL B 177 9.31 -8.85 2.44
CA VAL B 177 9.51 -9.05 3.88
C VAL B 177 11.00 -9.31 4.09
N LEU B 178 11.64 -8.45 4.90
CA LEU B 178 13.02 -8.63 5.31
C LEU B 178 13.00 -9.35 6.68
N GLY B 179 13.69 -10.49 6.78
CA GLY B 179 13.72 -11.23 8.04
C GLY B 179 12.79 -12.41 8.13
N GLY B 180 12.00 -12.62 7.09
CA GLY B 180 11.01 -13.69 7.12
C GLY B 180 10.17 -13.76 5.87
N SER B 181 8.99 -14.36 6.02
CA SER B 181 8.03 -14.53 4.93
C SER B 181 6.67 -14.18 5.45
N ASP B 182 5.69 -13.97 4.56
CA ASP B 182 4.36 -13.61 5.02
C ASP B 182 3.41 -14.70 4.57
N PRO B 183 3.01 -15.58 5.50
CA PRO B 183 2.14 -16.74 5.14
C PRO B 183 0.78 -16.34 4.55
N GLN B 184 0.39 -15.09 4.71
CA GLN B 184 -0.86 -14.66 4.07
C GLN B 184 -0.77 -14.68 2.53
N HIS B 185 0.44 -14.72 1.99
CA HIS B 185 0.66 -14.58 0.54
C HIS B 185 1.21 -15.78 -0.17
N TYR B 186 1.29 -16.89 0.59
CA TYR B 186 1.62 -18.16 0.00
C TYR B 186 0.76 -19.27 0.64
N GLU B 187 0.63 -20.37 -0.08
CA GLU B 187 0.04 -21.56 0.48
C GLU B 187 1.02 -22.73 0.49
N GLY B 188 0.74 -23.70 1.34
CA GLY B 188 1.61 -24.86 1.48
C GLY B 188 2.92 -24.49 2.14
N ASN B 189 3.96 -25.25 1.80
CA ASN B 189 5.28 -25.09 2.42
C ASN B 189 6.31 -24.78 1.35
N PHE B 190 7.36 -24.06 1.73
CA PHE B 190 8.47 -23.89 0.84
C PHE B 190 9.22 -25.17 0.53
N HIS B 191 9.71 -25.24 -0.70
CA HIS B 191 10.71 -26.20 -1.13
C HIS B 191 11.85 -25.33 -1.64
N TYR B 192 13.08 -25.70 -1.29
CA TYR B 192 14.28 -24.88 -1.55
C TYR B 192 15.17 -25.52 -2.57
N ILE B 193 15.87 -24.67 -3.28
CA ILE B 193 16.86 -25.07 -4.27
C ILE B 193 18.13 -24.34 -3.89
N ASN B 194 19.23 -25.07 -3.73
CA ASN B 194 20.50 -24.44 -3.38
C ASN B 194 21.13 -23.68 -4.54
N LEU B 195 21.78 -22.58 -4.20
CA LEU B 195 22.56 -21.78 -5.13
C LEU B 195 23.70 -22.63 -5.71
N ILE B 196 24.03 -22.41 -6.98
CA ILE B 196 25.18 -23.07 -7.59
C ILE B 196 26.42 -22.69 -6.77
N LYS B 197 26.49 -21.42 -6.37
CA LYS B 197 27.59 -20.92 -5.54
C LYS B 197 27.11 -19.63 -4.87
N THR B 198 27.76 -19.23 -3.78
CA THR B 198 27.43 -17.96 -3.14
C THR B 198 27.85 -16.79 -4.03
N GLY B 199 27.18 -15.65 -3.89
CA GLY B 199 27.58 -14.47 -4.65
C GLY B 199 26.59 -14.04 -5.72
N VAL B 200 25.71 -14.95 -6.10
CA VAL B 200 24.70 -14.70 -7.13
C VAL B 200 23.48 -15.58 -6.81
N TRP B 201 22.30 -14.98 -6.92
CA TRP B 201 21.03 -15.70 -6.75
C TRP B 201 20.69 -16.52 -8.00
N GLN B 202 21.46 -17.58 -8.23
CA GLN B 202 21.33 -18.40 -9.43
C GLN B 202 21.37 -19.86 -9.02
N ILE B 203 20.45 -20.67 -9.58
CA ILE B 203 20.29 -22.07 -9.24
C ILE B 203 20.41 -22.93 -10.49
N GLN B 204 20.58 -24.24 -10.28
CA GLN B 204 20.58 -25.16 -11.41
C GLN B 204 19.14 -25.40 -11.80
N MET B 205 18.89 -25.47 -13.11
CA MET B 205 17.60 -25.86 -13.64
C MET B 205 17.81 -27.17 -14.40
N LYS B 206 16.92 -28.12 -14.17
CA LYS B 206 17.08 -29.47 -14.71
C LYS B 206 16.33 -29.67 -16.00
N GLY B 207 15.71 -28.62 -16.53
CA GLY B 207 14.92 -28.78 -17.74
C GLY B 207 13.74 -27.84 -17.80
N VAL B 208 13.28 -27.59 -19.02
CA VAL B 208 12.12 -26.75 -19.25
C VAL B 208 11.19 -27.52 -20.20
N SER B 209 9.95 -27.73 -19.78
CA SER B 209 8.96 -28.45 -20.59
C SER B 209 7.90 -27.55 -21.17
N VAL B 210 7.49 -27.88 -22.39
CA VAL B 210 6.32 -27.29 -23.03
C VAL B 210 5.26 -28.40 -23.14
N GLY B 211 4.18 -28.26 -22.38
CA GLY B 211 3.18 -29.32 -22.24
C GLY B 211 3.66 -30.42 -21.30
N SER B 212 4.03 -31.57 -21.85
CA SER B 212 4.43 -32.69 -20.99
C SER B 212 5.84 -33.20 -21.35
N SER B 213 6.32 -32.78 -22.53
CA SER B 213 7.64 -33.15 -23.01
C SER B 213 8.68 -32.07 -22.68
N THR B 214 9.86 -32.49 -22.22
CA THR B 214 10.95 -31.57 -21.93
C THR B 214 11.69 -31.24 -23.22
N LEU B 215 11.34 -30.12 -23.85
CA LEU B 215 12.06 -29.79 -25.06
C LEU B 215 13.33 -28.95 -24.84
N LEU B 216 13.42 -28.19 -23.75
CA LEU B 216 14.55 -27.27 -23.58
C LEU B 216 15.43 -27.59 -22.39
N CYS B 217 16.68 -27.17 -22.42
CA CYS B 217 17.56 -27.31 -21.27
C CYS B 217 17.65 -28.78 -20.85
N GLU B 218 17.67 -29.66 -21.86
CA GLU B 218 17.64 -31.12 -21.66
C GLU B 218 18.76 -31.63 -20.74
N ASP B 219 19.92 -30.96 -20.81
CA ASP B 219 21.08 -31.35 -19.99
C ASP B 219 21.45 -30.37 -18.90
N GLY B 220 20.43 -29.66 -18.38
CA GLY B 220 20.63 -28.65 -17.36
C GLY B 220 21.06 -27.30 -17.91
N CYS B 221 20.69 -26.24 -17.20
CA CYS B 221 21.01 -24.88 -17.54
C CYS B 221 20.97 -24.10 -16.23
N LEU B 222 21.18 -22.79 -16.30
CA LEU B 222 21.20 -21.96 -15.11
C LEU B 222 19.95 -21.08 -15.10
N ALA B 223 19.52 -20.72 -13.90
CA ALA B 223 18.35 -19.87 -13.70
C ALA B 223 18.67 -18.82 -12.63
N LEU B 224 18.71 -17.56 -13.04
CA LEU B 224 18.91 -16.50 -12.09
C LEU B 224 17.53 -16.05 -11.58
N VAL B 225 17.29 -16.01 -10.28
CA VAL B 225 16.00 -15.56 -9.75
C VAL B 225 16.10 -14.04 -9.51
N ASP B 226 15.50 -13.29 -10.43
CA ASP B 226 15.73 -11.85 -10.55
C ASP B 226 14.45 -11.03 -10.35
N THR B 227 14.32 -10.47 -9.13
CA THR B 227 13.17 -9.64 -8.79
C THR B 227 13.12 -8.32 -9.60
N GLY B 228 14.27 -7.94 -10.14
CA GLY B 228 14.42 -6.73 -10.97
C GLY B 228 14.23 -7.00 -12.45
N ALA B 229 13.76 -8.20 -12.80
CA ALA B 229 13.42 -8.52 -14.18
C ALA B 229 11.90 -8.64 -14.33
N SER B 230 11.37 -8.13 -15.44
CA SER B 230 9.89 -8.15 -15.63
C SER B 230 9.35 -9.53 -15.99
N TYR B 231 10.17 -10.20 -16.78
CA TYR B 231 9.79 -11.43 -17.44
C TYR B 231 10.63 -12.63 -17.05
N ILE B 232 10.18 -13.78 -17.52
CA ILE B 232 11.04 -14.95 -17.58
C ILE B 232 11.86 -14.77 -18.88
N SER B 233 13.17 -15.00 -18.83
CA SER B 233 13.95 -14.86 -20.04
C SER B 233 14.83 -16.09 -20.18
N GLY B 234 15.20 -16.35 -21.42
CA GLY B 234 16.24 -17.37 -21.68
C GLY B 234 17.06 -16.71 -22.77
N SER B 235 18.12 -17.38 -23.20
CA SER B 235 18.95 -16.88 -24.29
C SER B 235 18.14 -16.74 -25.59
N THR B 236 18.66 -15.96 -26.53
CA THR B 236 18.00 -15.79 -27.82
C THR B 236 17.61 -17.15 -28.44
N SER B 237 18.53 -18.11 -28.48
CA SER B 237 18.26 -19.41 -29.09
C SER B 237 17.25 -20.25 -28.33
N SER B 238 17.28 -20.26 -26.98
CA SER B 238 16.30 -21.00 -26.19
C SER B 238 14.89 -20.44 -26.43
N ILE B 239 14.80 -19.10 -26.43
CA ILE B 239 13.56 -18.38 -26.64
C ILE B 239 13.01 -18.58 -28.06
N GLU B 240 13.86 -18.54 -29.08
CA GLU B 240 13.45 -18.98 -30.44
C GLU B 240 12.74 -20.34 -30.45
N LYS B 241 13.34 -21.35 -29.80
CA LYS B 241 12.78 -22.71 -29.76
C LYS B 241 11.50 -22.81 -28.94
N LEU B 242 11.46 -22.14 -27.80
CA LEU B 242 10.26 -22.05 -26.97
C LEU B 242 9.09 -21.44 -27.74
N MET B 243 9.33 -20.31 -28.38
CA MET B 243 8.31 -19.57 -29.14
C MET B 243 7.78 -20.39 -30.32
N GLU B 244 8.69 -21.03 -31.05
CA GLU B 244 8.35 -21.93 -32.14
C GLU B 244 7.39 -23.01 -31.64
N ALA B 245 7.72 -23.62 -30.51
CA ALA B 245 6.88 -24.63 -29.87
C ALA B 245 5.50 -24.15 -29.42
N LEU B 246 5.38 -22.89 -29.01
CA LEU B 246 4.08 -22.34 -28.62
C LEU B 246 3.28 -21.83 -29.81
N GLY B 247 3.93 -21.70 -30.97
CA GLY B 247 3.31 -21.14 -32.17
C GLY B 247 3.17 -19.63 -32.14
N ALA B 248 3.96 -18.98 -31.29
CA ALA B 248 4.07 -17.53 -31.16
C ALA B 248 4.99 -17.01 -32.25
N LYS B 249 4.69 -15.84 -32.79
CA LYS B 249 5.53 -15.23 -33.82
C LYS B 249 6.05 -13.88 -33.39
N LYS B 250 7.25 -13.52 -33.84
CA LYS B 250 7.84 -12.23 -33.55
C LYS B 250 7.05 -11.14 -34.29
N ARG B 251 6.51 -10.16 -33.56
CA ARG B 251 5.73 -9.12 -34.21
C ARG B 251 6.69 -8.20 -34.95
N LEU B 252 7.23 -7.24 -34.22
CA LEU B 252 8.20 -6.31 -34.74
C LEU B 252 9.23 -6.31 -33.63
N PHE B 253 8.76 -5.97 -32.45
CA PHE B 253 9.64 -5.89 -31.31
C PHE B 253 9.53 -7.12 -30.41
N ASP B 254 8.33 -7.72 -30.30
CA ASP B 254 8.04 -8.80 -29.32
C ASP B 254 7.33 -10.00 -29.92
N TYR B 255 7.31 -11.12 -29.18
CA TYR B 255 6.55 -12.30 -29.57
C TYR B 255 5.05 -12.20 -29.25
N VAL B 256 4.23 -12.58 -30.23
CA VAL B 256 2.78 -12.50 -30.06
C VAL B 256 2.03 -13.76 -30.49
N VAL B 257 0.85 -13.91 -29.91
CA VAL B 257 -0.14 -14.94 -30.24
C VAL B 257 -1.50 -14.21 -30.47
N LYS B 258 -2.36 -14.80 -31.29
CA LYS B 258 -3.75 -14.31 -31.40
C LYS B 258 -4.36 -14.37 -29.99
N CYS B 259 -5.04 -13.31 -29.56
CA CYS B 259 -5.53 -13.24 -28.17
C CYS B 259 -6.49 -14.35 -27.80
N ASN B 260 -7.32 -14.75 -28.78
CA ASN B 260 -8.28 -15.80 -28.53
C ASN B 260 -7.62 -17.15 -28.35
N GLU B 261 -6.45 -17.35 -28.96
CA GLU B 261 -5.79 -18.63 -28.80
C GLU B 261 -4.84 -18.71 -27.59
N GLY B 262 -4.69 -17.59 -26.89
CA GLY B 262 -3.85 -17.53 -25.68
C GLY B 262 -4.18 -18.71 -24.76
N PRO B 263 -5.47 -18.86 -24.41
CA PRO B 263 -5.94 -19.99 -23.58
C PRO B 263 -5.81 -21.40 -24.19
N THR B 264 -5.46 -21.49 -25.46
CA THR B 264 -5.20 -22.81 -26.04
C THR B 264 -3.74 -23.24 -25.90
N LEU B 265 -2.88 -22.35 -25.40
CA LEU B 265 -1.43 -22.61 -25.33
C LEU B 265 -1.07 -23.57 -24.22
N PRO B 266 0.02 -24.33 -24.41
CA PRO B 266 0.48 -25.30 -23.41
C PRO B 266 1.07 -24.71 -22.13
N ASP B 267 1.10 -25.54 -21.09
CA ASP B 267 1.80 -25.23 -19.84
C ASP B 267 3.29 -25.25 -20.11
N ILE B 268 4.02 -24.42 -19.38
CA ILE B 268 5.46 -24.40 -19.42
C ILE B 268 5.92 -24.74 -18.00
N SER B 269 6.80 -25.74 -17.88
CA SER B 269 7.27 -26.19 -16.58
C SER B 269 8.77 -26.02 -16.45
N PHE B 270 9.19 -25.55 -15.28
CA PHE B 270 10.61 -25.35 -14.98
C PHE B 270 10.97 -26.36 -13.87
N HIS B 271 11.96 -27.20 -14.18
CA HIS B 271 12.40 -28.27 -13.25
C HIS B 271 13.47 -27.72 -12.34
N LEU B 272 13.10 -27.52 -11.07
CA LEU B 272 13.99 -26.91 -10.10
C LEU B 272 14.03 -27.74 -8.81
N GLY B 273 15.22 -28.19 -8.42
CA GLY B 273 15.40 -28.97 -7.20
C GLY B 273 14.44 -30.16 -7.12
N GLY B 274 14.23 -30.85 -8.23
CA GLY B 274 13.37 -32.05 -8.20
C GLY B 274 11.86 -31.88 -8.29
N LYS B 275 11.39 -30.63 -8.31
CA LYS B 275 9.98 -30.27 -8.45
C LYS B 275 9.75 -29.52 -9.75
N GLU B 276 8.54 -29.58 -10.27
CA GLU B 276 8.19 -28.87 -11.48
C GLU B 276 7.35 -27.68 -11.07
N TYR B 277 7.81 -26.51 -11.52
CA TYR B 277 7.18 -25.20 -11.31
C TYR B 277 6.51 -24.89 -12.64
N THR B 278 5.19 -25.00 -12.62
CA THR B 278 4.40 -24.95 -13.83
C THR B 278 3.64 -23.62 -13.93
N LEU B 279 3.74 -23.01 -15.12
CA LEU B 279 2.90 -21.88 -15.47
C LEU B 279 1.99 -22.30 -16.62
N THR B 280 0.71 -21.99 -16.45
CA THR B 280 -0.28 -22.17 -17.50
C THR B 280 -0.24 -20.92 -18.40
N SER B 281 -0.93 -20.95 -19.56
CA SER B 281 -0.96 -19.77 -20.45
C SER B 281 -1.54 -18.54 -19.73
N ALA B 282 -2.45 -18.75 -18.81
CA ALA B 282 -2.99 -17.67 -18.01
C ALA B 282 -1.85 -16.93 -17.27
N ASP B 283 -0.75 -17.63 -16.97
CA ASP B 283 0.34 -17.05 -16.18
C ASP B 283 1.36 -16.32 -17.02
N TYR B 284 1.46 -16.64 -18.30
CA TYR B 284 2.49 -16.02 -19.11
C TYR B 284 2.01 -15.27 -20.37
N VAL B 285 0.71 -15.27 -20.68
CA VAL B 285 0.21 -14.52 -21.86
C VAL B 285 -0.45 -13.29 -21.31
N PHE B 286 -0.11 -12.11 -21.86
CA PHE B 286 -0.78 -10.89 -21.40
C PHE B 286 -2.08 -10.75 -22.20
N GLN B 287 -3.18 -11.20 -21.59
CA GLN B 287 -4.47 -11.20 -22.25
C GLN B 287 -5.15 -9.84 -22.19
N GLU B 288 -4.60 -8.86 -22.92
CA GLU B 288 -5.18 -7.51 -23.00
C GLU B 288 -6.60 -7.59 -23.49
N SER B 289 -6.89 -8.67 -24.25
CA SER B 289 -8.22 -9.13 -24.66
C SER B 289 -8.23 -10.65 -24.87
N TYR B 290 -9.40 -11.27 -25.08
CA TYR B 290 -9.48 -12.64 -25.64
C TYR B 290 -9.95 -12.57 -27.11
N SER B 291 -9.80 -11.42 -27.76
CA SER B 291 -10.32 -11.21 -29.10
C SER B 291 -9.64 -12.03 -30.21
N SER B 292 -10.47 -12.63 -31.09
CA SER B 292 -9.93 -13.26 -32.28
C SER B 292 -9.41 -12.25 -33.32
N LYS B 293 -9.55 -10.95 -33.05
CA LYS B 293 -9.18 -9.86 -33.95
C LYS B 293 -7.97 -9.06 -33.49
N LYS B 294 -7.38 -9.52 -32.39
CA LYS B 294 -6.27 -8.84 -31.72
C LYS B 294 -5.07 -9.76 -31.40
N LEU B 295 -3.89 -9.17 -31.26
CA LEU B 295 -2.68 -9.91 -30.91
C LEU B 295 -2.24 -9.60 -29.48
N CYS B 296 -1.81 -10.65 -28.80
CA CYS B 296 -1.41 -10.62 -27.39
C CYS B 296 0.04 -11.00 -27.21
N THR B 297 0.71 -10.22 -26.38
CA THR B 297 2.12 -10.38 -26.09
C THR B 297 2.34 -11.41 -24.96
N LEU B 298 3.58 -11.91 -24.84
CA LEU B 298 3.91 -12.90 -23.84
C LEU B 298 4.83 -12.32 -22.80
N ALA B 299 4.71 -12.74 -21.55
CA ALA B 299 5.56 -12.24 -20.47
C ALA B 299 6.88 -13.06 -20.36
N ILE B 300 7.48 -13.33 -21.50
CA ILE B 300 8.70 -14.13 -21.66
C ILE B 300 9.51 -13.49 -22.80
N HIS B 301 10.79 -13.21 -22.57
CA HIS B 301 11.63 -12.47 -23.52
C HIS B 301 13.03 -13.06 -23.61
N ALA B 302 13.80 -12.67 -24.62
CA ALA B 302 15.18 -13.14 -24.68
C ALA B 302 16.05 -12.21 -23.86
N MET B 303 17.04 -12.77 -23.19
CA MET B 303 18.07 -11.96 -22.55
C MET B 303 19.35 -12.79 -22.55
N ASP B 304 20.40 -12.20 -23.13
CA ASP B 304 21.69 -12.85 -23.28
C ASP B 304 22.65 -12.23 -22.30
N ILE B 305 23.06 -13.01 -21.32
CA ILE B 305 23.93 -12.51 -20.26
C ILE B 305 25.29 -13.17 -20.51
N PRO B 306 26.37 -12.38 -20.52
CA PRO B 306 27.72 -12.91 -20.79
C PRO B 306 28.29 -13.75 -19.63
N PRO B 307 29.30 -14.60 -19.92
CA PRO B 307 29.99 -15.29 -18.82
C PRO B 307 30.68 -14.28 -17.91
N PRO B 308 30.92 -14.63 -16.63
CA PRO B 308 30.64 -15.93 -16.00
C PRO B 308 29.18 -16.18 -15.61
N THR B 309 28.40 -15.13 -15.38
CA THR B 309 27.00 -15.33 -14.91
C THR B 309 26.12 -16.06 -15.91
N GLY B 310 26.24 -15.73 -17.19
CA GLY B 310 25.46 -16.37 -18.24
C GLY B 310 26.35 -17.24 -19.10
N PRO B 311 25.79 -17.84 -20.16
CA PRO B 311 24.36 -17.83 -20.48
C PRO B 311 23.49 -18.37 -19.34
N THR B 312 22.29 -17.81 -19.22
CA THR B 312 21.37 -18.16 -18.14
C THR B 312 19.92 -17.75 -18.47
N TRP B 313 18.99 -18.53 -17.93
CA TRP B 313 17.60 -18.11 -17.87
C TRP B 313 17.51 -17.15 -16.68
N ALA B 314 16.49 -16.32 -16.68
CA ALA B 314 16.17 -15.45 -15.53
C ALA B 314 14.68 -15.63 -15.24
N LEU B 315 14.35 -15.92 -13.98
CA LEU B 315 12.96 -16.07 -13.51
C LEU B 315 12.61 -14.74 -12.84
N GLY B 316 11.96 -13.90 -13.60
CA GLY B 316 11.62 -12.56 -13.22
C GLY B 316 10.21 -12.54 -12.68
N ALA B 317 9.59 -11.37 -12.74
CA ALA B 317 8.27 -11.17 -12.18
C ALA B 317 7.19 -12.17 -12.67
N THR B 318 7.24 -12.61 -13.93
CA THR B 318 6.30 -13.60 -14.48
C THR B 318 6.25 -14.86 -13.59
N PHE B 319 7.43 -15.28 -13.17
CA PHE B 319 7.62 -16.48 -12.33
C PHE B 319 7.24 -16.24 -10.88
N ILE B 320 7.73 -15.12 -10.33
CA ILE B 320 7.46 -14.71 -8.95
C ILE B 320 5.96 -14.49 -8.64
N ARG B 321 5.20 -13.94 -9.59
CA ARG B 321 3.74 -13.80 -9.48
C ARG B 321 3.11 -15.14 -9.19
N LYS B 322 3.60 -16.19 -9.84
CA LYS B 322 3.07 -17.54 -9.61
C LYS B 322 3.62 -18.17 -8.31
N PHE B 323 4.91 -17.97 -8.04
CA PHE B 323 5.56 -18.52 -6.85
C PHE B 323 6.18 -17.47 -5.93
N TYR B 324 5.54 -17.28 -4.76
CA TYR B 324 6.10 -16.51 -3.67
C TYR B 324 7.51 -17.05 -3.44
N THR B 325 8.48 -16.12 -3.32
CA THR B 325 9.90 -16.51 -3.34
C THR B 325 10.62 -16.07 -2.05
N GLU B 326 11.38 -16.98 -1.45
CA GLU B 326 12.18 -16.66 -0.28
C GLU B 326 13.67 -16.82 -0.58
N PHE B 327 14.42 -15.75 -0.39
CA PHE B 327 15.87 -15.70 -0.63
C PHE B 327 16.54 -15.90 0.72
N ASP B 328 17.22 -17.04 0.87
CA ASP B 328 17.77 -17.48 2.14
C ASP B 328 19.28 -17.33 2.12
N ARG B 329 19.76 -16.26 2.75
CA ARG B 329 21.20 -16.03 2.78
C ARG B 329 21.96 -16.93 3.74
N ARG B 330 21.33 -17.29 4.86
CA ARG B 330 21.93 -18.16 5.84
C ARG B 330 22.36 -19.48 5.17
N ASN B 331 21.44 -20.07 4.40
CA ASN B 331 21.67 -21.35 3.73
C ASN B 331 22.05 -21.28 2.23
N ASN B 332 22.17 -20.09 1.64
CA ASN B 332 22.47 -19.95 0.20
C ASN B 332 21.50 -20.80 -0.62
N ARG B 333 20.22 -20.50 -0.50
CA ARG B 333 19.20 -21.28 -1.20
C ARG B 333 18.02 -20.39 -1.50
N ILE B 334 17.15 -20.82 -2.39
CA ILE B 334 15.93 -20.10 -2.72
C ILE B 334 14.69 -20.99 -2.52
N GLY B 335 13.71 -20.46 -1.80
CA GLY B 335 12.48 -21.18 -1.56
C GLY B 335 11.35 -20.64 -2.40
N PHE B 336 10.52 -21.56 -2.89
CA PHE B 336 9.29 -21.22 -3.59
C PHE B 336 8.10 -21.92 -2.96
N ALA B 337 6.98 -21.19 -2.91
CA ALA B 337 5.69 -21.70 -2.53
C ALA B 337 4.65 -21.05 -3.44
N LEU B 338 3.53 -21.74 -3.69
CA LEU B 338 2.46 -21.11 -4.47
C LEU B 338 1.95 -19.80 -3.86
N ALA B 339 2.02 -18.71 -4.63
CA ALA B 339 1.56 -17.39 -4.19
C ALA B 339 0.02 -17.35 -4.12
N ARG B 340 -0.52 -16.60 -3.16
CA ARG B 340 -1.97 -16.38 -3.02
C ARG B 340 -2.27 -14.93 -2.72
#